data_3M63
#
_entry.id   3M63
#
_cell.length_a   65.130
_cell.length_b   125.700
_cell.length_c   181.210
_cell.angle_alpha   90.000
_cell.angle_beta   90.000
_cell.angle_gamma   90.000
#
_symmetry.space_group_name_H-M   'P 21 21 21'
#
loop_
_entity.id
_entity.type
_entity.pdbx_description
1 polymer 'Ubiquitin conjugation factor E4'
2 polymer 'Ubiquitin domain-containing protein DSK2'
3 non-polymer 'PENTAETHYLENE GLYCOL'
4 non-polymer 'POTASSIUM ION'
5 water water
#
loop_
_entity_poly.entity_id
_entity_poly.type
_entity_poly.pdbx_seq_one_letter_code
_entity_poly.pdbx_strand_id
1 'polypeptide(L)'
;GSPEFRSMTAIEDILQITTDPSDTRGYSLLKSEEVPQGSTLGVDFIDTLLLYQLTENEKLDKPFEYLNDCFRRNQQQKRI
TKNKPNAESLHSTFQEIDRLVIGYGVVALQIENFCMNGAFINYITGIVSNVNSYTDFLSQIIQRAILEGTALDLLNAVFP
TLLEYCNKHVSHFDLNESVIYNNVLTIFELFVTFKPIAEIFTKIDGFFADYSCKPQDFERKTILGPILSLSPIEAAVAIR
NYGDNLLRSKQQTAMIHESLQAEHKVVIDRLFFIVDKLVRGSLNSRTDMISYFAHIANKNHLRRADHPPFKELSSNGFMS
NITLLLVRFSQPFLDISYKKIDKIDANYFNNPSLFIDLSGETRLNSDFKEADAFYDKNRKTADSKPNFISDCFFLTLTYL
HYGLGGTLSFEEKMGSEIKALKEEIEKVKKIAANHDVFARFITAQLSKMEKALKTTESLRFALQGFFAHRSLQLEVFDFI
CGASTFLIRVVDPEHEFPFKQIKLPLIPDQIGVENVDNADFLRAHAPVPFKYYPEFVVEGPVNYSLYISKYQTSPIFRNP
RLGSFVEFTTMVLRCPELVSNPHLKGKLVQLLSVGAMPLTDNSPGFMMDIFEHDELVNKNLLYALLDFYVIVEKTGSSSQ
FYDKFNSRYSISIILEELYYKIPSYKNQLIWQSQNNADFFVRFVARMLNDLTFLLDEGLSNLAEVHNIQNELDNRARGAP
PTREEEDKELQTRLASASRQAKSSCGLADKSMKLFEIYSKDIPAAFVTPEIVYRLASMLNYNLESLVGPKCGELKVKDPQ
SYSFNPKDLLKALTTVYINLSEQSEFISAVAKDERSFNRNLFVRAVDILGRKTGLASPEFIEKLLNFANKAEEQRKADEE
EDLEYGDVPDEFLDPLMYTIMKDPVILPASKMNIDRSTIKAHLLSDSTDPFNRMPLKLEDVTPNEELRQKILCFKKQKKE
EAKHKASE
;
A
2 'polypeptide(L)'
;MKHHHHHHPMSDYDIPTTENLYFQGAMSLNIHIKSGQDKWEVNVAPESTVLQFKEAINKANGIPVANQRLIYSGKILKDD
QTVESYHIQDGHSVHLVKSQP
;
B
#
# COMPACT_ATOMS: atom_id res chain seq x y z
N SER A 2 32.21 37.14 57.25
CA SER A 2 33.22 36.06 57.02
C SER A 2 33.14 35.56 55.57
N PRO A 3 34.00 34.58 55.19
CA PRO A 3 33.86 33.85 53.92
C PRO A 3 33.35 32.42 54.12
N GLU A 4 33.45 31.95 55.36
CA GLU A 4 32.88 30.69 55.82
C GLU A 4 31.38 30.92 55.95
N PHE A 5 31.05 32.11 56.45
CA PHE A 5 29.71 32.67 56.47
C PHE A 5 29.11 32.77 55.04
N ARG A 6 29.85 33.40 54.12
CA ARG A 6 29.40 33.59 52.72
C ARG A 6 29.06 32.28 52.01
N SER A 7 29.76 31.21 52.38
CA SER A 7 29.47 29.86 51.86
C SER A 7 28.19 29.34 52.49
N MET A 8 28.23 29.07 53.79
CA MET A 8 27.05 28.70 54.58
C MET A 8 25.72 29.21 54.03
N THR A 9 25.58 30.53 53.85
CA THR A 9 24.29 31.11 53.43
C THR A 9 23.96 30.83 51.96
N ALA A 10 24.97 30.76 51.12
CA ALA A 10 24.77 30.40 49.71
C ALA A 10 24.05 29.05 49.62
N ILE A 11 24.44 28.13 50.50
CA ILE A 11 23.80 26.81 50.63
C ILE A 11 22.32 26.98 51.00
N GLU A 12 22.07 27.81 52.02
CA GLU A 12 20.70 28.10 52.47
C GLU A 12 19.85 28.44 51.26
N ASP A 13 20.27 29.46 50.51
CA ASP A 13 19.55 29.95 49.33
C ASP A 13 19.41 28.93 48.24
N ILE A 14 20.45 28.13 48.03
CA ILE A 14 20.43 27.18 46.90
C ILE A 14 19.57 25.97 47.25
N LEU A 15 19.73 25.45 48.46
CA LEU A 15 18.93 24.31 48.83
C LEU A 15 17.55 24.69 49.43
N GLN A 16 17.35 25.98 49.70
CA GLN A 16 16.19 26.47 50.47
C GLN A 16 15.98 25.71 51.78
N ILE A 17 16.95 25.81 52.68
CA ILE A 17 16.90 25.09 53.95
C ILE A 17 17.78 25.81 55.00
N THR A 18 17.30 25.90 56.25
CA THR A 18 18.03 26.52 57.38
C THR A 18 17.97 25.60 58.61
N THR A 19 18.77 25.89 59.63
CA THR A 19 18.92 25.00 60.78
C THR A 19 18.23 25.52 62.05
N ASP A 20 18.46 26.80 62.38
CA ASP A 20 18.18 27.26 63.72
C ASP A 20 16.95 28.17 63.98
N PRO A 21 16.32 28.75 62.93
CA PRO A 21 16.45 29.34 61.61
C PRO A 21 15.22 30.22 61.36
N SER A 22 14.51 30.54 62.44
CA SER A 22 13.06 30.72 62.34
C SER A 22 12.57 32.10 61.89
N ASP A 23 12.79 32.41 60.60
CA ASP A 23 12.21 33.60 59.93
C ASP A 23 12.78 33.97 58.54
N THR A 24 11.90 34.54 57.70
CA THR A 24 12.22 35.40 56.54
C THR A 24 11.79 34.87 55.16
N ARG A 25 12.36 33.77 54.70
CA ARG A 25 11.94 33.23 53.41
C ARG A 25 11.50 31.75 53.49
N GLY A 26 10.70 31.33 52.51
CA GLY A 26 9.92 30.09 52.57
C GLY A 26 10.62 28.78 52.89
N TYR A 27 11.88 28.87 53.30
CA TYR A 27 12.77 27.70 53.46
C TYR A 27 12.27 26.79 54.58
N SER A 28 12.69 25.54 54.55
CA SER A 28 12.21 24.54 55.49
C SER A 28 13.23 24.33 56.59
N LEU A 29 12.76 24.29 57.83
CA LEU A 29 13.62 24.08 58.99
C LEU A 29 14.03 22.61 59.07
N LEU A 30 15.32 22.36 59.24
CA LEU A 30 15.83 21.01 59.42
C LEU A 30 15.33 20.43 60.74
N LYS A 31 14.65 19.28 60.65
CA LYS A 31 14.14 18.56 61.82
C LYS A 31 14.66 17.11 61.85
N SER A 32 15.14 16.65 63.00
CA SER A 32 15.49 17.50 64.14
C SER A 32 16.90 17.09 64.52
N GLU A 33 17.61 16.59 63.51
CA GLU A 33 18.90 15.91 63.67
C GLU A 33 19.89 16.75 64.47
N GLU A 34 20.43 16.16 65.53
CA GLU A 34 21.32 16.85 66.47
C GLU A 34 22.66 17.25 65.86
N VAL A 35 23.33 16.31 65.20
CA VAL A 35 24.60 16.58 64.51
C VAL A 35 24.42 17.74 63.48
N PRO A 36 23.43 17.64 62.57
CA PRO A 36 23.11 18.81 61.75
C PRO A 36 22.18 19.83 62.45
N GLN A 37 22.45 20.11 63.73
CA GLN A 37 21.93 21.30 64.41
C GLN A 37 23.09 22.17 64.84
N GLY A 38 24.21 22.01 64.13
CA GLY A 38 25.38 22.86 64.27
C GLY A 38 25.18 24.14 63.50
N SER A 39 25.32 25.27 64.19
CA SER A 39 25.12 26.57 63.57
C SER A 39 26.38 27.15 62.89
N THR A 40 27.23 26.26 62.40
CA THR A 40 28.16 26.64 61.35
C THR A 40 27.40 26.26 60.09
N LEU A 41 28.06 25.49 59.22
CA LEU A 41 27.51 24.93 57.99
C LEU A 41 28.69 24.86 57.03
N GLY A 42 28.43 24.45 55.80
CA GLY A 42 29.49 24.34 54.83
C GLY A 42 29.50 23.02 54.11
N VAL A 43 30.51 22.89 53.26
CA VAL A 43 30.56 21.93 52.17
C VAL A 43 30.24 20.47 52.52
N ASP A 44 30.57 20.03 53.74
CA ASP A 44 30.35 18.63 54.10
C ASP A 44 29.06 18.34 54.87
N PHE A 45 28.22 19.34 55.07
CA PHE A 45 26.88 19.10 55.59
C PHE A 45 25.84 18.95 54.45
N ILE A 46 26.29 19.23 53.22
CA ILE A 46 25.41 19.27 52.05
C ILE A 46 24.80 17.92 51.72
N ASP A 47 25.60 16.86 51.82
CA ASP A 47 25.08 15.52 51.71
C ASP A 47 23.91 15.35 52.67
N THR A 48 24.13 15.69 53.94
CA THR A 48 23.13 15.48 54.99
C THR A 48 21.84 16.30 54.78
N LEU A 49 22.00 17.56 54.38
CA LEU A 49 20.86 18.45 54.11
C LEU A 49 19.97 17.83 53.04
N LEU A 50 20.60 17.46 51.92
CA LEU A 50 19.90 16.77 50.85
C LEU A 50 19.33 15.44 51.32
N LEU A 51 20.09 14.69 52.11
CA LEU A 51 19.64 13.35 52.49
C LEU A 51 18.36 13.49 53.29
N TYR A 52 18.34 14.45 54.19
CA TYR A 52 17.13 14.85 54.92
C TYR A 52 16.06 15.32 53.94
N GLN A 53 16.41 16.28 53.09
CA GLN A 53 15.47 16.83 52.11
C GLN A 53 14.69 15.75 51.37
N LEU A 54 15.36 14.65 51.04
CA LEU A 54 14.76 13.63 50.20
C LEU A 54 14.24 12.37 50.92
N THR A 55 14.77 12.04 52.09
CA THR A 55 14.37 10.78 52.76
C THR A 55 13.68 10.91 54.11
N GLU A 56 14.01 11.95 54.86
CA GLU A 56 13.28 12.26 56.09
C GLU A 56 12.13 13.19 55.73
N ASN A 57 12.07 13.51 54.45
CA ASN A 57 10.95 14.21 53.81
C ASN A 57 10.43 15.38 54.61
N GLU A 58 9.17 15.71 54.35
CA GLU A 58 8.46 16.81 55.01
C GLU A 58 7.14 16.89 54.26
N LYS A 59 6.79 18.10 53.88
CA LYS A 59 5.88 18.29 52.77
C LYS A 59 6.71 18.59 51.51
N LEU A 60 7.87 17.95 51.41
CA LEU A 60 8.64 17.96 50.15
C LEU A 60 8.02 16.96 49.18
N ASP A 61 6.95 17.39 48.51
CA ASP A 61 6.07 16.47 47.79
C ASP A 61 6.46 16.22 46.34
N LYS A 62 7.22 17.13 45.74
CA LYS A 62 7.75 16.96 44.37
C LYS A 62 9.30 16.92 44.39
N PRO A 63 9.88 15.81 44.90
CA PRO A 63 11.34 15.79 45.17
C PRO A 63 12.22 16.00 43.93
N PHE A 64 11.81 15.47 42.79
CA PHE A 64 12.65 15.60 41.62
C PHE A 64 12.64 17.04 41.10
N GLU A 65 11.53 17.72 41.26
CA GLU A 65 11.44 19.14 40.91
C GLU A 65 12.37 19.97 41.81
N TYR A 66 12.43 19.59 43.08
CA TYR A 66 13.24 20.31 44.05
C TYR A 66 14.73 20.15 43.64
N LEU A 67 15.14 18.91 43.36
CA LEU A 67 16.46 18.68 42.79
C LEU A 67 16.73 19.59 41.59
N ASN A 68 15.83 19.59 40.63
CA ASN A 68 16.05 20.38 39.43
C ASN A 68 16.16 21.88 39.70
N ASP A 69 15.34 22.40 40.61
CA ASP A 69 15.46 23.81 40.97
C ASP A 69 16.72 24.07 41.81
N CYS A 70 17.17 23.03 42.50
CA CYS A 70 18.38 23.14 43.25
C CYS A 70 19.53 23.35 42.27
N PHE A 71 19.46 22.65 41.14
CA PHE A 71 20.50 22.70 40.13
C PHE A 71 20.48 24.06 39.43
N ARG A 72 19.31 24.48 38.95
CA ARG A 72 19.15 25.81 38.35
C ARG A 72 19.55 26.95 39.27
N ARG A 73 19.25 26.80 40.55
CA ARG A 73 19.66 27.80 41.51
C ARG A 73 21.20 27.83 41.56
N ASN A 74 21.79 26.64 41.45
CA ASN A 74 23.23 26.53 41.50
C ASN A 74 23.87 27.17 40.26
N GLN A 75 23.29 26.93 39.10
CA GLN A 75 23.85 27.48 37.87
C GLN A 75 23.77 28.99 37.87
N GLN A 76 22.70 29.51 38.45
CA GLN A 76 22.49 30.94 38.47
C GLN A 76 23.43 31.62 39.44
N GLN A 77 23.75 30.94 40.54
CA GLN A 77 24.62 31.50 41.56
C GLN A 77 26.09 31.43 41.13
N LYS A 78 26.42 30.48 40.26
CA LYS A 78 27.72 30.47 39.58
C LYS A 78 27.87 31.71 38.70
N ARG A 79 26.88 32.00 37.87
CA ARG A 79 26.92 33.20 37.01
C ARG A 79 26.97 34.52 37.78
N ILE A 80 26.08 34.72 38.77
CA ILE A 80 26.13 35.94 39.62
C ILE A 80 27.51 36.14 40.27
N THR A 81 28.16 35.01 40.61
CA THR A 81 29.43 34.96 41.34
C THR A 81 30.66 35.25 40.46
N LYS A 82 30.73 34.59 39.29
CA LYS A 82 31.80 34.77 38.28
C LYS A 82 32.40 36.17 38.26
N ASN A 83 31.51 37.18 38.26
CA ASN A 83 31.89 38.59 38.09
C ASN A 83 31.98 39.41 39.37
N LYS A 84 32.04 38.75 40.52
CA LYS A 84 31.99 39.48 41.78
C LYS A 84 33.29 39.37 42.54
N PRO A 85 33.54 40.33 43.46
CA PRO A 85 34.71 40.37 44.32
C PRO A 85 35.50 39.07 44.46
N ASN A 86 34.87 37.99 44.92
CA ASN A 86 35.67 36.81 45.24
C ASN A 86 35.07 35.46 44.84
N ALA A 87 34.79 35.33 43.55
CA ALA A 87 34.30 34.09 42.97
C ALA A 87 34.96 32.82 43.54
N GLU A 88 36.28 32.84 43.68
CA GLU A 88 37.03 31.60 43.95
C GLU A 88 36.67 30.87 45.24
N SER A 89 36.47 31.59 46.33
CA SER A 89 36.21 30.98 47.65
C SER A 89 34.92 30.16 47.73
N LEU A 90 33.94 30.49 46.91
CA LEU A 90 32.71 29.72 46.89
C LEU A 90 32.74 28.54 45.90
N HIS A 91 33.83 28.44 45.14
CA HIS A 91 33.94 27.44 44.07
C HIS A 91 33.73 25.99 44.56
N SER A 92 34.37 25.67 45.69
CA SER A 92 34.20 24.40 46.39
C SER A 92 32.73 24.10 46.70
N THR A 93 31.95 25.14 47.02
CA THR A 93 30.54 25.00 47.38
C THR A 93 29.63 24.67 46.18
N PHE A 94 29.76 25.45 45.10
CA PHE A 94 29.01 25.18 43.90
C PHE A 94 29.37 23.77 43.38
N GLN A 95 30.66 23.48 43.31
CA GLN A 95 31.15 22.15 43.01
C GLN A 95 30.39 21.04 43.75
N GLU A 96 30.20 21.19 45.06
CA GLU A 96 29.59 20.17 45.89
C GLU A 96 28.09 20.00 45.73
N ILE A 97 27.39 21.12 45.57
CA ILE A 97 25.98 21.10 45.23
C ILE A 97 25.77 20.43 43.88
N ASP A 98 26.63 20.76 42.91
CA ASP A 98 26.61 20.14 41.58
C ASP A 98 26.78 18.63 41.66
N ARG A 99 27.84 18.21 42.35
CA ARG A 99 28.13 16.80 42.58
C ARG A 99 26.91 16.06 43.06
N LEU A 100 26.25 16.61 44.08
CA LEU A 100 25.23 15.85 44.81
C LEU A 100 23.80 16.00 44.29
N VAL A 101 23.46 17.18 43.79
CA VAL A 101 22.16 17.36 43.16
C VAL A 101 22.08 16.38 41.96
N ILE A 102 23.14 16.31 41.15
CA ILE A 102 23.22 15.34 40.05
C ILE A 102 23.19 13.89 40.53
N GLY A 103 24.04 13.55 41.50
CA GLY A 103 24.07 12.19 42.02
C GLY A 103 22.71 11.68 42.47
N TYR A 104 21.95 12.54 43.15
CA TYR A 104 20.65 12.13 43.71
C TYR A 104 19.55 12.20 42.71
N GLY A 105 19.75 13.02 41.69
CA GLY A 105 18.91 12.98 40.48
C GLY A 105 18.98 11.62 39.81
N VAL A 106 20.20 11.07 39.66
CA VAL A 106 20.39 9.70 39.15
C VAL A 106 19.67 8.71 40.08
N VAL A 107 19.95 8.82 41.39
CA VAL A 107 19.32 7.95 42.37
C VAL A 107 17.79 8.05 42.32
N ALA A 108 17.25 9.27 42.37
CA ALA A 108 15.80 9.47 42.26
C ALA A 108 15.20 8.77 41.02
N LEU A 109 15.96 8.71 39.94
CA LEU A 109 15.49 8.05 38.72
C LEU A 109 16.12 6.68 38.52
N GLN A 110 16.29 5.91 39.58
CA GLN A 110 16.83 4.55 39.45
C GLN A 110 16.18 3.57 40.39
N ILE A 111 15.90 4.00 41.60
CA ILE A 111 15.29 3.13 42.57
C ILE A 111 14.04 3.83 43.08
N GLU A 112 12.96 3.07 43.18
CA GLU A 112 11.64 3.63 43.46
C GLU A 112 11.47 4.26 44.87
N ASN A 113 11.95 3.61 45.92
CA ASN A 113 11.51 4.06 47.26
C ASN A 113 12.32 5.14 47.96
N PHE A 114 13.30 5.68 47.25
CA PHE A 114 14.29 6.62 47.82
C PHE A 114 13.64 7.75 48.61
N CYS A 115 12.86 8.54 47.90
CA CYS A 115 12.07 9.60 48.50
C CYS A 115 10.78 8.92 48.94
N MET A 116 10.10 9.42 49.97
CA MET A 116 8.79 8.82 50.26
C MET A 116 7.62 9.72 49.90
N ASN A 117 7.93 10.71 49.08
CA ASN A 117 6.91 11.41 48.34
C ASN A 117 7.13 11.26 46.85
N GLY A 118 6.08 10.81 46.18
CA GLY A 118 6.10 10.58 44.76
C GLY A 118 6.82 9.30 44.38
N ALA A 119 6.75 8.99 43.09
CA ALA A 119 7.43 7.89 42.44
C ALA A 119 7.81 8.31 41.02
N PHE A 120 8.32 7.36 40.25
CA PHE A 120 8.72 7.63 38.87
C PHE A 120 7.64 8.38 38.10
N ILE A 121 6.45 7.82 38.02
CA ILE A 121 5.38 8.44 37.26
C ILE A 121 5.24 9.96 37.49
N ASN A 122 5.26 10.38 38.75
CA ASN A 122 5.09 11.79 39.07
C ASN A 122 6.27 12.60 38.61
N TYR A 123 7.47 12.06 38.81
CA TYR A 123 8.67 12.77 38.38
C TYR A 123 8.68 12.98 36.91
N ILE A 124 8.39 11.93 36.16
CA ILE A 124 8.47 12.12 34.75
C ILE A 124 7.29 12.95 34.24
N THR A 125 6.20 12.97 34.98
CA THR A 125 5.05 13.84 34.69
C THR A 125 5.51 15.31 34.77
N GLY A 126 6.22 15.63 35.86
CA GLY A 126 6.77 16.96 36.04
C GLY A 126 7.72 17.27 34.90
N ILE A 127 8.47 16.25 34.48
CA ILE A 127 9.41 16.43 33.39
C ILE A 127 8.69 16.72 32.07
N VAL A 128 7.72 15.88 31.71
CA VAL A 128 6.93 16.09 30.51
C VAL A 128 6.32 17.49 30.45
N SER A 129 5.72 17.95 31.55
CA SER A 129 5.03 19.26 31.54
C SER A 129 5.92 20.43 31.15
N ASN A 130 7.18 20.38 31.57
CA ASN A 130 8.06 21.53 31.42
C ASN A 130 9.45 21.05 31.11
N VAL A 131 9.56 20.27 30.04
CA VAL A 131 10.78 19.60 29.61
C VAL A 131 12.04 20.49 29.48
N ASN A 132 11.90 21.70 28.94
CA ASN A 132 13.03 22.63 28.76
C ASN A 132 13.76 23.07 30.05
N SER A 133 13.01 22.98 31.15
CA SER A 133 13.49 23.29 32.47
C SER A 133 14.20 22.14 33.15
N TYR A 134 14.15 20.96 32.55
CA TYR A 134 14.85 19.80 33.11
C TYR A 134 15.96 19.34 32.19
N THR A 135 16.08 20.00 31.05
CA THR A 135 16.98 19.53 30.00
C THR A 135 18.46 19.52 30.48
N ASP A 136 18.99 20.65 30.95
CA ASP A 136 20.40 20.67 31.44
C ASP A 136 20.65 19.68 32.60
N PHE A 137 19.75 19.67 33.57
CA PHE A 137 19.81 18.72 34.64
C PHE A 137 19.82 17.29 34.14
N LEU A 138 18.84 16.95 33.30
CA LEU A 138 18.68 15.57 32.84
C LEU A 138 19.89 15.13 32.08
N SER A 139 20.35 16.01 31.23
CA SER A 139 21.56 15.79 30.46
C SER A 139 22.71 15.39 31.41
N GLN A 140 22.88 16.15 32.48
CA GLN A 140 23.91 15.81 33.47
C GLN A 140 23.68 14.46 34.17
N ILE A 141 22.41 14.17 34.49
CA ILE A 141 22.02 12.90 35.09
C ILE A 141 22.39 11.76 34.16
N ILE A 142 22.10 11.89 32.87
CA ILE A 142 22.38 10.82 31.92
C ILE A 142 23.87 10.52 31.88
N GLN A 143 24.66 11.57 31.69
CA GLN A 143 26.11 11.49 31.68
C GLN A 143 26.68 10.82 32.93
N ARG A 144 26.13 11.18 34.10
CA ARG A 144 26.58 10.59 35.37
C ARG A 144 26.28 9.09 35.41
N ALA A 145 25.11 8.70 34.94
CA ALA A 145 24.75 7.30 34.87
C ALA A 145 25.64 6.52 33.88
N ILE A 146 25.97 7.13 32.75
CA ILE A 146 26.88 6.49 31.82
C ILE A 146 28.24 6.26 32.50
N LEU A 147 28.72 7.28 33.22
CA LEU A 147 30.05 7.21 33.81
C LEU A 147 30.11 6.17 34.89
N GLU A 148 28.96 5.84 35.45
CA GLU A 148 28.93 4.94 36.59
C GLU A 148 28.48 3.52 36.22
N GLY A 149 28.32 3.22 34.92
CA GLY A 149 27.96 1.86 34.49
C GLY A 149 26.52 1.49 34.77
N THR A 150 25.65 2.50 34.85
CA THR A 150 24.30 2.25 35.26
C THR A 150 23.23 2.90 34.38
N ALA A 151 23.58 3.10 33.13
CA ALA A 151 22.69 3.65 32.13
C ALA A 151 21.41 2.84 31.98
N LEU A 152 21.52 1.52 31.99
CA LEU A 152 20.31 0.72 31.76
C LEU A 152 19.30 0.94 32.87
N ASP A 153 19.75 0.90 34.12
CA ASP A 153 18.87 1.09 35.28
C ASP A 153 18.10 2.40 35.14
N LEU A 154 18.79 3.45 34.71
CA LEU A 154 18.19 4.75 34.46
C LEU A 154 17.13 4.66 33.37
N LEU A 155 17.51 4.06 32.24
CA LEU A 155 16.59 3.83 31.12
C LEU A 155 15.34 3.00 31.52
N ASN A 156 15.52 1.99 32.38
CA ASN A 156 14.39 1.16 32.84
C ASN A 156 13.50 1.89 33.82
N ALA A 157 14.03 2.94 34.44
CA ALA A 157 13.17 3.86 35.19
C ALA A 157 12.38 4.81 34.28
N VAL A 158 13.01 5.42 33.28
CA VAL A 158 12.39 6.51 32.56
C VAL A 158 11.45 5.98 31.52
N PHE A 159 11.91 5.03 30.71
CA PHE A 159 11.13 4.74 29.53
C PHE A 159 9.91 3.87 29.70
N PRO A 160 9.98 2.83 30.57
CA PRO A 160 8.70 2.16 30.91
C PRO A 160 7.70 3.11 31.57
N THR A 161 8.21 4.00 32.43
CA THR A 161 7.40 5.06 33.04
C THR A 161 6.80 6.02 32.01
N LEU A 162 7.49 6.25 30.92
CA LEU A 162 6.97 7.14 29.92
C LEU A 162 5.85 6.43 29.18
N LEU A 163 5.95 5.12 29.12
CA LEU A 163 4.92 4.32 28.53
C LEU A 163 3.63 4.52 29.31
N GLU A 164 3.64 4.17 30.59
CA GLU A 164 2.45 4.36 31.44
C GLU A 164 1.95 5.80 31.40
N TYR A 165 2.87 6.76 31.43
CA TYR A 165 2.45 8.14 31.37
C TYR A 165 1.58 8.37 30.14
N CYS A 166 1.96 7.79 29.01
CA CYS A 166 1.26 7.94 27.74
C CYS A 166 -0.06 7.21 27.65
N ASN A 167 -0.18 6.03 28.24
CA ASN A 167 -1.45 5.30 28.20
C ASN A 167 -2.40 5.70 29.31
N LYS A 168 -1.85 6.03 30.47
CA LYS A 168 -2.72 6.10 31.62
C LYS A 168 -2.91 7.50 32.16
N HIS A 169 -1.95 8.40 31.97
CA HIS A 169 -2.10 9.74 32.56
C HIS A 169 -2.51 10.86 31.61
N VAL A 170 -2.55 10.55 30.32
CA VAL A 170 -3.20 11.41 29.36
C VAL A 170 -4.39 10.62 28.84
N SER A 171 -5.50 11.30 28.59
CA SER A 171 -6.65 10.63 27.99
C SER A 171 -6.23 10.04 26.66
N HIS A 172 -5.59 10.84 25.82
CA HIS A 172 -5.16 10.37 24.52
C HIS A 172 -3.82 10.94 24.10
N PHE A 173 -2.82 10.07 24.03
CA PHE A 173 -1.53 10.45 23.50
C PHE A 173 -1.59 10.46 21.98
N ASP A 174 -1.71 11.64 21.41
CA ASP A 174 -1.90 11.79 20.00
C ASP A 174 -1.53 13.21 19.64
N LEU A 175 -1.69 13.56 18.35
CA LEU A 175 -1.26 14.83 17.79
C LEU A 175 -2.03 15.98 18.41
N ASN A 176 -3.20 15.72 19.00
CA ASN A 176 -3.93 16.83 19.66
C ASN A 176 -3.15 17.46 20.84
N GLU A 177 -2.44 16.62 21.58
CA GLU A 177 -1.69 17.00 22.80
C GLU A 177 -0.30 17.55 22.43
N SER A 178 -0.34 18.72 21.82
CA SER A 178 0.79 19.36 21.20
C SER A 178 1.97 19.51 22.17
N VAL A 179 1.73 20.13 23.33
CA VAL A 179 2.84 20.39 24.27
C VAL A 179 3.43 19.06 24.72
N ILE A 180 2.55 18.12 25.05
CA ILE A 180 2.98 16.86 25.62
C ILE A 180 3.70 15.94 24.63
N TYR A 181 3.23 15.83 23.39
CA TYR A 181 3.90 14.90 22.48
C TYR A 181 5.22 15.50 22.01
N ASN A 182 5.29 16.82 21.92
CA ASN A 182 6.56 17.42 21.62
C ASN A 182 7.58 17.16 22.74
N ASN A 183 7.16 17.39 23.96
CA ASN A 183 8.05 17.18 25.07
C ASN A 183 8.48 15.73 25.24
N VAL A 184 7.57 14.80 24.98
CA VAL A 184 7.95 13.39 24.94
C VAL A 184 9.03 13.10 23.86
N LEU A 185 8.88 13.67 22.67
CA LEU A 185 9.92 13.52 21.64
C LEU A 185 11.24 14.12 22.12
N THR A 186 11.19 15.29 22.72
CA THR A 186 12.38 15.96 23.17
C THR A 186 13.18 15.05 24.16
N ILE A 187 12.44 14.26 24.95
CA ILE A 187 13.02 13.31 25.92
C ILE A 187 13.75 12.16 25.21
N PHE A 188 13.08 11.52 24.27
CA PHE A 188 13.73 10.47 23.48
C PHE A 188 14.97 11.02 22.81
N GLU A 189 14.87 12.23 22.24
CA GLU A 189 16.01 12.83 21.55
C GLU A 189 17.19 13.12 22.52
N LEU A 190 16.87 13.64 23.69
CA LEU A 190 17.88 13.89 24.69
C LEU A 190 18.66 12.61 25.04
N PHE A 191 17.95 11.55 25.41
CA PHE A 191 18.60 10.31 25.79
C PHE A 191 19.39 9.68 24.65
N VAL A 192 18.70 9.49 23.53
CA VAL A 192 19.21 8.72 22.45
C VAL A 192 20.29 9.46 21.62
N THR A 193 20.50 10.75 21.90
CA THR A 193 21.66 11.49 21.33
C THR A 193 23.01 11.11 22.01
N PHE A 194 22.93 10.61 23.24
CA PHE A 194 24.04 9.92 23.89
C PHE A 194 24.31 8.53 23.28
N LYS A 195 25.44 8.41 22.63
CA LYS A 195 25.82 7.16 22.01
C LYS A 195 25.74 5.90 22.91
N PRO A 196 26.25 5.98 24.16
CA PRO A 196 26.11 4.80 25.02
C PRO A 196 24.67 4.44 25.36
N ILE A 197 23.76 5.42 25.30
CA ILE A 197 22.33 5.14 25.40
C ILE A 197 21.77 4.46 24.13
N ALA A 198 22.10 5.02 22.97
CA ALA A 198 21.64 4.48 21.70
C ALA A 198 22.08 2.99 21.55
N GLU A 199 23.20 2.62 22.18
CA GLU A 199 23.72 1.27 21.89
C GLU A 199 23.01 0.19 22.68
N ILE A 200 22.31 0.57 23.75
CA ILE A 200 21.60 -0.41 24.57
C ILE A 200 20.07 -0.16 24.66
N PHE A 201 19.57 0.86 23.97
CA PHE A 201 18.15 1.22 24.09
C PHE A 201 17.22 0.03 23.90
N THR A 202 17.59 -0.86 22.99
CA THR A 202 16.66 -1.90 22.65
C THR A 202 16.60 -2.97 23.73
N LYS A 203 17.45 -2.85 24.76
CA LYS A 203 17.38 -3.77 25.91
C LYS A 203 16.41 -3.26 27.00
N ILE A 204 15.85 -2.08 26.84
CA ILE A 204 14.88 -1.63 27.83
C ILE A 204 13.78 -2.68 28.06
N ASP A 205 13.31 -2.82 29.29
CA ASP A 205 12.14 -3.67 29.56
C ASP A 205 10.97 -3.15 28.74
N GLY A 206 10.34 -4.06 28.00
CA GLY A 206 9.12 -3.76 27.28
C GLY A 206 9.42 -3.13 25.93
N PHE A 207 10.69 -3.13 25.51
CA PHE A 207 11.00 -2.72 24.15
C PHE A 207 10.28 -3.61 23.14
N PHE A 208 10.38 -4.93 23.32
CA PHE A 208 9.56 -5.81 22.47
C PHE A 208 8.16 -6.01 23.04
N ALA A 209 7.30 -6.52 22.16
CA ALA A 209 5.97 -6.87 22.55
C ALA A 209 6.08 -8.25 23.15
N ASP A 210 5.30 -8.48 24.21
CA ASP A 210 5.17 -9.82 24.80
C ASP A 210 4.63 -10.77 23.77
N TYR A 211 4.73 -12.06 24.06
CA TYR A 211 4.11 -13.11 23.26
C TYR A 211 2.59 -12.96 23.18
N SER A 212 1.97 -12.44 24.24
CA SER A 212 0.52 -12.38 24.35
C SER A 212 -0.07 -11.05 23.81
N CYS A 213 0.80 -10.09 23.53
CA CYS A 213 0.38 -8.75 23.15
C CYS A 213 -0.43 -8.78 21.85
N LYS A 214 -1.64 -8.24 21.92
CA LYS A 214 -2.49 -8.17 20.74
C LYS A 214 -2.01 -7.03 19.81
N PRO A 215 -2.12 -7.23 18.49
CA PRO A 215 -1.64 -6.27 17.48
C PRO A 215 -2.00 -4.81 17.75
N GLN A 216 -3.23 -4.53 18.17
CA GLN A 216 -3.63 -3.13 18.48
C GLN A 216 -2.86 -2.54 19.60
N ASP A 217 -2.14 -3.37 20.36
CA ASP A 217 -1.47 -2.86 21.54
C ASP A 217 0.03 -2.72 21.29
N PHE A 218 0.51 -3.18 20.15
CA PHE A 218 1.90 -2.87 19.77
C PHE A 218 2.24 -1.40 20.02
N GLU A 219 1.36 -0.51 19.57
CA GLU A 219 1.54 0.93 19.68
C GLU A 219 1.28 1.46 21.07
N ARG A 220 0.77 0.60 21.95
CA ARG A 220 0.48 0.96 23.36
C ARG A 220 1.43 0.33 24.41
N LYS A 221 1.94 -0.86 24.17
CA LYS A 221 2.56 -1.62 25.25
C LYS A 221 4.06 -1.86 25.02
N THR A 222 4.60 -1.11 24.09
CA THR A 222 5.89 -1.33 23.52
C THR A 222 6.60 0.02 23.56
N ILE A 223 7.88 0.05 23.97
CA ILE A 223 8.55 1.33 24.31
C ILE A 223 8.39 2.45 23.28
N LEU A 224 8.45 2.11 22.00
CA LEU A 224 8.45 3.09 20.92
C LEU A 224 7.06 3.35 20.40
N GLY A 225 6.12 2.49 20.78
CA GLY A 225 4.74 2.49 20.31
C GLY A 225 3.99 3.82 20.32
N PRO A 226 3.90 4.45 21.48
CA PRO A 226 3.15 5.70 21.42
C PRO A 226 3.71 6.78 20.49
N ILE A 227 5.02 6.99 20.45
CA ILE A 227 5.55 8.06 19.61
C ILE A 227 5.41 7.64 18.17
N LEU A 228 5.49 6.34 17.89
CA LEU A 228 5.38 5.89 16.51
C LEU A 228 3.99 6.12 15.99
N SER A 229 3.03 6.27 16.90
CA SER A 229 1.62 6.42 16.52
C SER A 229 1.15 7.86 16.32
N LEU A 230 2.03 8.82 16.52
CA LEU A 230 1.75 10.23 16.29
C LEU A 230 1.49 10.54 14.82
N SER A 231 0.27 11.00 14.50
CA SER A 231 -0.13 11.09 13.09
C SER A 231 -1.45 11.83 12.95
N PRO A 232 -1.62 12.57 11.85
CA PRO A 232 -2.89 13.18 11.67
C PRO A 232 -4.00 12.21 11.27
N ILE A 233 -3.74 10.93 11.02
CA ILE A 233 -4.84 10.04 10.55
C ILE A 233 -5.33 9.20 11.70
N GLU A 234 -5.30 9.82 12.85
CA GLU A 234 -5.81 9.23 14.05
C GLU A 234 -7.22 9.82 14.24
N ALA A 235 -8.21 8.98 14.54
CA ALA A 235 -9.59 9.46 14.64
C ALA A 235 -9.69 10.75 15.43
N ALA A 236 -9.25 10.73 16.69
CA ALA A 236 -9.42 11.87 17.57
C ALA A 236 -8.78 13.13 16.99
N VAL A 237 -7.71 12.94 16.22
CA VAL A 237 -7.08 14.08 15.55
C VAL A 237 -7.90 14.59 14.37
N ALA A 238 -8.41 13.64 13.60
CA ALA A 238 -9.24 13.96 12.44
C ALA A 238 -10.52 14.66 12.91
N ILE A 239 -11.17 14.10 13.92
CA ILE A 239 -12.37 14.71 14.48
C ILE A 239 -12.14 16.15 14.96
N ARG A 240 -11.06 16.37 15.69
CA ARG A 240 -10.74 17.69 16.25
C ARG A 240 -10.50 18.73 15.16
N ASN A 241 -9.96 18.31 14.02
CA ASN A 241 -9.45 19.23 13.02
C ASN A 241 -10.38 19.39 11.85
N TYR A 242 -11.19 18.36 11.61
CA TYR A 242 -12.09 18.35 10.49
C TYR A 242 -13.52 18.20 10.95
N GLY A 243 -13.80 17.24 11.85
CA GLY A 243 -15.18 16.98 12.31
C GLY A 243 -15.84 18.18 12.97
N ASP A 244 -14.97 19.02 13.42
CA ASP A 244 -15.14 20.42 13.78
C ASP A 244 -16.10 21.25 12.89
N ASN A 245 -15.86 21.22 11.59
CA ASN A 245 -16.74 21.89 10.63
C ASN A 245 -16.53 21.20 9.28
N LEU A 246 -17.34 20.17 9.01
CA LEU A 246 -17.24 19.32 7.83
C LEU A 246 -17.77 19.98 6.54
N LEU A 247 -18.29 21.20 6.68
CA LEU A 247 -18.91 21.88 5.58
C LEU A 247 -18.09 23.07 5.10
N ARG A 248 -16.82 23.04 5.47
CA ARG A 248 -15.81 24.05 5.09
C ARG A 248 -15.62 24.08 3.57
N SER A 249 -15.30 25.25 3.01
CA SER A 249 -14.95 25.33 1.56
C SER A 249 -13.61 24.66 1.30
N LYS A 250 -13.34 24.36 0.03
CA LYS A 250 -12.03 23.76 -0.38
C LYS A 250 -10.86 24.55 0.20
N GLN A 251 -10.94 25.87 0.08
CA GLN A 251 -9.91 26.75 0.56
C GLN A 251 -9.68 26.60 2.06
N GLN A 252 -10.77 26.51 2.82
CA GLN A 252 -10.71 26.32 4.27
C GLN A 252 -10.15 24.94 4.68
N THR A 253 -10.52 23.88 3.97
CA THR A 253 -9.93 22.55 4.18
C THR A 253 -8.44 22.49 3.84
N ALA A 254 -8.07 23.19 2.77
CA ALA A 254 -6.68 23.23 2.34
C ALA A 254 -5.83 23.74 3.48
N MET A 255 -6.26 24.83 4.14
CA MET A 255 -5.44 25.35 5.26
C MET A 255 -5.20 24.32 6.35
N ILE A 256 -6.20 23.46 6.62
CA ILE A 256 -6.06 22.46 7.68
C ILE A 256 -5.10 21.34 7.21
N HIS A 257 -5.31 20.83 6.00
CA HIS A 257 -4.35 19.90 5.43
C HIS A 257 -2.93 20.46 5.59
N GLU A 258 -2.73 21.73 5.22
CA GLU A 258 -1.35 22.25 5.30
C GLU A 258 -0.76 22.27 6.71
N SER A 259 -1.51 22.73 7.72
CA SER A 259 -0.99 22.64 9.13
C SER A 259 -0.67 21.23 9.51
N LEU A 260 -1.58 20.29 9.27
CA LEU A 260 -1.31 18.92 9.67
C LEU A 260 -0.21 18.27 8.83
N GLN A 261 -0.05 18.69 7.58
CA GLN A 261 1.06 18.20 6.79
C GLN A 261 2.35 18.80 7.37
N ALA A 262 2.38 20.12 7.63
CA ALA A 262 3.59 20.72 8.21
C ALA A 262 3.97 19.97 9.50
N GLU A 263 2.99 19.71 10.35
CA GLU A 263 3.26 19.10 11.65
C GLU A 263 3.67 17.63 11.54
N HIS A 264 3.05 16.89 10.61
CA HIS A 264 3.42 15.51 10.34
C HIS A 264 4.85 15.36 9.81
N LYS A 265 5.29 16.26 8.92
CA LYS A 265 6.69 16.31 8.48
C LYS A 265 7.66 16.36 9.67
N VAL A 266 7.42 17.27 10.61
CA VAL A 266 8.27 17.43 11.79
C VAL A 266 8.27 16.13 12.61
N VAL A 267 7.08 15.56 12.82
CA VAL A 267 6.98 14.27 13.54
C VAL A 267 7.81 13.18 12.88
N ILE A 268 7.72 13.06 11.55
CA ILE A 268 8.48 12.01 10.83
C ILE A 268 9.98 12.24 10.89
N ASP A 269 10.39 13.49 10.74
CA ASP A 269 11.80 13.87 10.91
C ASP A 269 12.28 13.47 12.29
N ARG A 270 11.50 13.84 13.31
CA ARG A 270 11.94 13.55 14.69
C ARG A 270 11.94 12.06 14.96
N LEU A 271 11.03 11.30 14.36
CA LEU A 271 10.96 9.87 14.59
C LEU A 271 12.09 9.23 13.83
N PHE A 272 12.38 9.74 12.65
CA PHE A 272 13.49 9.17 11.93
C PHE A 272 14.82 9.39 12.70
N PHE A 273 15.06 10.64 13.11
CA PHE A 273 16.25 10.95 13.89
C PHE A 273 16.44 9.99 15.08
N ILE A 274 15.36 9.78 15.82
CA ILE A 274 15.38 8.89 16.95
C ILE A 274 15.75 7.47 16.51
N VAL A 275 15.04 6.94 15.51
CA VAL A 275 15.28 5.55 15.12
C VAL A 275 16.64 5.34 14.45
N ASP A 276 17.12 6.36 13.72
CA ASP A 276 18.46 6.32 13.12
C ASP A 276 19.57 6.24 14.17
N LYS A 277 19.37 6.96 15.27
CA LYS A 277 20.27 6.80 16.39
C LYS A 277 20.37 5.34 16.82
N LEU A 278 19.22 4.66 16.90
CA LEU A 278 19.21 3.29 17.39
C LEU A 278 19.90 2.45 16.39
N VAL A 279 19.54 2.63 15.12
CA VAL A 279 20.17 1.90 14.04
C VAL A 279 21.69 2.10 14.05
N ARG A 280 22.13 3.30 14.45
CA ARG A 280 23.57 3.58 14.39
C ARG A 280 24.30 3.13 15.66
N GLY A 281 23.53 2.83 16.70
CA GLY A 281 24.08 2.48 18.00
C GLY A 281 25.02 1.32 18.01
N SER A 282 24.57 0.21 17.45
CA SER A 282 25.33 -1.04 17.43
C SER A 282 24.54 -2.03 16.64
N LEU A 283 25.17 -3.15 16.30
CA LEU A 283 24.52 -4.21 15.55
C LEU A 283 23.29 -4.75 16.27
N ASN A 284 23.34 -4.78 17.61
CA ASN A 284 22.22 -5.29 18.39
C ASN A 284 21.00 -4.42 18.25
N SER A 285 21.22 -3.11 18.42
CA SER A 285 20.12 -2.17 18.37
C SER A 285 19.55 -2.23 16.99
N ARG A 286 20.41 -2.25 16.00
CA ARG A 286 19.96 -2.24 14.64
C ARG A 286 19.22 -3.54 14.31
N THR A 287 19.78 -4.68 14.73
CA THR A 287 19.08 -5.96 14.56
C THR A 287 17.73 -6.02 15.27
N ASP A 288 17.66 -5.41 16.44
CA ASP A 288 16.44 -5.40 17.22
C ASP A 288 15.35 -4.51 16.59
N MET A 289 15.76 -3.45 15.89
CA MET A 289 14.81 -2.63 15.15
C MET A 289 14.17 -3.45 14.04
N ILE A 290 14.98 -4.15 13.25
CA ILE A 290 14.46 -5.03 12.20
C ILE A 290 13.48 -5.98 12.84
N SER A 291 13.87 -6.53 13.99
CA SER A 291 13.09 -7.57 14.60
C SER A 291 11.77 -6.98 15.11
N TYR A 292 11.85 -5.77 15.66
CA TYR A 292 10.70 -5.05 16.18
C TYR A 292 9.69 -4.74 15.08
N PHE A 293 10.14 -4.08 14.02
CA PHE A 293 9.27 -3.84 12.87
C PHE A 293 8.78 -5.11 12.18
N ALA A 294 9.57 -6.18 12.18
CA ALA A 294 9.08 -7.38 11.50
C ALA A 294 7.93 -8.07 12.28
N HIS A 295 7.93 -7.93 13.59
CA HIS A 295 6.89 -8.55 14.39
C HIS A 295 5.58 -7.84 14.15
N ILE A 296 5.62 -6.52 14.22
CA ILE A 296 4.44 -5.70 13.95
C ILE A 296 3.85 -6.09 12.60
N ALA A 297 4.70 -6.22 11.57
CA ALA A 297 4.20 -6.54 10.23
C ALA A 297 3.62 -7.92 10.17
N ASN A 298 4.32 -8.90 10.74
CA ASN A 298 3.85 -10.30 10.73
C ASN A 298 2.46 -10.49 11.29
N LYS A 299 2.08 -9.67 12.25
CA LYS A 299 0.84 -9.88 12.97
C LYS A 299 -0.27 -8.93 12.53
N ASN A 300 -0.07 -8.26 11.39
CA ASN A 300 -1.05 -7.33 10.82
C ASN A 300 -1.45 -7.63 9.39
N HIS A 301 -1.30 -8.87 8.94
CA HIS A 301 -1.67 -9.17 7.54
C HIS A 301 -3.15 -8.94 7.25
N LEU A 302 -4.01 -9.07 8.28
CA LEU A 302 -5.44 -8.86 8.03
C LEU A 302 -5.78 -7.42 7.71
N ARG A 303 -4.80 -6.54 7.85
CA ARG A 303 -5.05 -5.17 7.47
C ARG A 303 -5.45 -5.09 5.99
N ARG A 304 -5.12 -6.13 5.19
CA ARG A 304 -5.42 -6.18 3.73
C ARG A 304 -6.58 -7.10 3.33
N ALA A 305 -7.29 -7.64 4.32
CA ALA A 305 -8.46 -8.46 4.04
C ALA A 305 -9.62 -7.56 3.58
N ASP A 306 -10.62 -8.15 2.95
CA ASP A 306 -11.80 -7.41 2.53
C ASP A 306 -12.54 -6.69 3.65
N HIS A 307 -12.65 -7.33 4.80
CA HIS A 307 -13.29 -6.73 5.99
C HIS A 307 -12.37 -6.94 7.18
N PRO A 308 -11.43 -6.02 7.36
CA PRO A 308 -10.46 -6.14 8.41
C PRO A 308 -11.11 -6.01 9.78
N PRO A 309 -10.67 -6.83 10.76
CA PRO A 309 -11.01 -6.59 12.16
C PRO A 309 -10.19 -5.45 12.77
N PHE A 310 -10.58 -4.20 12.49
CA PHE A 310 -9.80 -2.98 12.83
C PHE A 310 -9.33 -2.84 14.28
N LYS A 311 -10.22 -3.24 15.19
CA LYS A 311 -9.99 -3.18 16.64
C LYS A 311 -9.00 -4.22 17.14
N GLU A 312 -8.66 -5.18 16.27
CA GLU A 312 -7.66 -6.25 16.55
C GLU A 312 -6.35 -6.07 15.74
N LEU A 313 -6.14 -4.88 15.16
CA LEU A 313 -5.00 -4.64 14.27
C LEU A 313 -4.34 -3.32 14.61
N SER A 314 -3.07 -3.15 14.25
CA SER A 314 -2.44 -1.84 14.46
C SER A 314 -3.15 -0.73 13.69
N SER A 315 -2.92 0.50 14.09
CA SER A 315 -3.67 1.59 13.52
C SER A 315 -3.01 2.08 12.25
N ASN A 316 -3.75 2.82 11.45
CA ASN A 316 -3.23 3.34 10.23
C ASN A 316 -2.06 4.30 10.45
N GLY A 317 -2.13 5.16 11.46
CA GLY A 317 -1.09 6.16 11.66
C GLY A 317 0.22 5.47 12.02
N PHE A 318 0.13 4.50 12.91
CA PHE A 318 1.24 3.71 13.36
C PHE A 318 1.88 3.01 12.17
N MET A 319 1.09 2.24 11.42
CA MET A 319 1.62 1.46 10.27
C MET A 319 2.15 2.33 9.14
N SER A 320 1.51 3.47 8.89
CA SER A 320 1.99 4.38 7.85
C SER A 320 3.31 5.05 8.23
N ASN A 321 3.43 5.49 9.49
CA ASN A 321 4.64 6.17 9.95
C ASN A 321 5.84 5.22 9.87
N ILE A 322 5.64 3.96 10.28
CA ILE A 322 6.70 2.99 10.17
C ILE A 322 7.06 2.78 8.68
N THR A 323 6.05 2.66 7.81
CA THR A 323 6.35 2.52 6.40
C THR A 323 7.27 3.66 5.96
N LEU A 324 6.98 4.88 6.38
CA LEU A 324 7.78 6.03 5.92
C LEU A 324 9.21 6.03 6.45
N LEU A 325 9.40 5.57 7.68
CA LEU A 325 10.72 5.49 8.29
C LEU A 325 11.52 4.47 7.49
N LEU A 326 10.91 3.31 7.18
CA LEU A 326 11.56 2.27 6.41
C LEU A 326 11.89 2.78 5.01
N VAL A 327 10.97 3.53 4.41
CA VAL A 327 11.27 4.15 3.14
C VAL A 327 12.53 5.02 3.28
N ARG A 328 12.60 5.71 4.40
CA ARG A 328 13.71 6.62 4.61
C ARG A 328 15.09 5.89 4.83
N PHE A 329 15.12 4.81 5.58
CA PHE A 329 16.32 3.98 5.62
C PHE A 329 16.65 3.35 4.28
N SER A 330 15.67 3.18 3.38
CA SER A 330 16.00 2.54 2.11
C SER A 330 16.51 3.49 1.05
N GLN A 331 16.16 4.76 1.19
CA GLN A 331 16.50 5.77 0.21
C GLN A 331 17.98 5.66 -0.25
N PRO A 332 18.95 5.72 0.68
CA PRO A 332 20.36 5.84 0.28
C PRO A 332 20.87 4.80 -0.72
N PHE A 333 20.40 3.54 -0.61
CA PHE A 333 20.92 2.54 -1.53
C PHE A 333 20.14 2.44 -2.85
N LEU A 334 19.19 3.35 -3.00
CA LEU A 334 18.34 3.41 -4.16
C LEU A 334 18.37 4.81 -4.78
N ASP A 335 19.43 5.56 -4.58
CA ASP A 335 19.47 6.84 -5.26
C ASP A 335 19.57 6.58 -6.78
N ILE A 336 19.32 7.60 -7.60
CA ILE A 336 19.27 7.42 -9.07
C ILE A 336 20.52 6.89 -9.76
N SER A 337 21.67 6.92 -9.11
CA SER A 337 22.89 6.39 -9.72
C SER A 337 22.91 4.88 -9.59
N TYR A 338 22.07 4.35 -8.71
CA TYR A 338 22.03 2.91 -8.46
C TYR A 338 23.39 2.26 -8.15
N LYS A 339 24.37 3.07 -7.77
CA LYS A 339 25.73 2.60 -7.47
C LYS A 339 25.82 1.63 -6.29
N LYS A 340 24.86 1.72 -5.38
CA LYS A 340 24.77 0.74 -4.27
C LYS A 340 23.64 -0.30 -4.46
N ILE A 341 23.13 -0.47 -5.67
CA ILE A 341 21.98 -1.38 -5.84
C ILE A 341 22.32 -2.83 -5.53
N ASP A 342 23.60 -3.15 -5.62
CA ASP A 342 24.03 -4.52 -5.44
C ASP A 342 24.23 -4.86 -3.95
N LYS A 343 24.10 -3.87 -3.06
CA LYS A 343 24.08 -4.10 -1.60
C LYS A 343 22.86 -4.96 -1.21
N ILE A 344 21.73 -4.77 -1.90
CA ILE A 344 20.53 -5.58 -1.68
C ILE A 344 20.66 -7.01 -2.25
N ASP A 345 20.54 -8.00 -1.37
CA ASP A 345 20.76 -9.40 -1.76
C ASP A 345 19.57 -9.95 -2.56
N ALA A 346 19.81 -10.29 -3.82
CA ALA A 346 18.75 -10.83 -4.68
C ALA A 346 18.28 -12.21 -4.20
N ASN A 347 19.11 -12.83 -3.38
CA ASN A 347 18.85 -14.17 -2.88
C ASN A 347 18.33 -14.15 -1.45
N TYR A 348 17.65 -13.05 -1.11
CA TYR A 348 17.13 -12.83 0.23
C TYR A 348 16.20 -13.96 0.63
N PHE A 349 15.43 -14.46 -0.34
CA PHE A 349 14.45 -15.52 -0.14
C PHE A 349 14.97 -16.88 -0.57
N ASN A 350 16.25 -16.96 -0.96
CA ASN A 350 16.85 -18.27 -1.34
C ASN A 350 16.95 -19.18 -0.15
N ASN A 351 16.68 -18.64 1.03
CA ASN A 351 16.72 -19.35 2.30
C ASN A 351 15.46 -19.08 3.15
N PRO A 352 15.10 -20.03 4.08
CA PRO A 352 14.11 -19.75 5.12
C PRO A 352 14.35 -18.38 5.78
N SER A 353 13.28 -17.58 5.88
CA SER A 353 13.39 -16.16 6.24
C SER A 353 13.54 -15.93 7.75
N LEU A 354 14.38 -14.98 8.11
CA LEU A 354 14.74 -14.87 9.52
C LEU A 354 13.83 -13.90 10.30
N PHE A 355 13.19 -12.97 9.63
CA PHE A 355 12.36 -12.01 10.35
C PHE A 355 10.94 -11.95 9.84
N ILE A 356 10.81 -11.77 8.53
CA ILE A 356 9.52 -11.70 7.86
C ILE A 356 8.91 -13.09 7.72
N ASP A 357 7.71 -13.26 8.28
CA ASP A 357 6.98 -14.52 8.23
C ASP A 357 6.28 -14.70 6.90
N LEU A 358 6.74 -15.64 6.09
CA LEU A 358 6.27 -15.80 4.72
C LEU A 358 5.25 -16.91 4.56
N SER A 359 4.83 -17.49 5.67
CA SER A 359 3.87 -18.56 5.59
C SER A 359 2.55 -17.97 5.10
N GLY A 360 1.95 -18.61 4.11
CA GLY A 360 0.69 -18.12 3.57
C GLY A 360 0.86 -17.09 2.46
N GLU A 361 2.10 -16.70 2.16
CA GLU A 361 2.36 -15.72 1.11
C GLU A 361 2.44 -16.32 -0.28
N THR A 362 1.49 -15.95 -1.13
CA THR A 362 1.53 -16.32 -2.54
C THR A 362 2.80 -15.73 -3.17
N ARG A 363 3.43 -16.51 -4.07
CA ARG A 363 4.65 -16.07 -4.74
C ARG A 363 4.34 -15.71 -6.19
N LEU A 364 5.28 -15.06 -6.88
CA LEU A 364 5.03 -14.52 -8.24
C LEU A 364 4.76 -15.58 -9.32
N ASN A 365 5.61 -16.59 -9.38
CA ASN A 365 5.30 -17.74 -10.22
C ASN A 365 5.81 -19.02 -9.60
N SER A 366 5.12 -19.44 -8.55
CA SER A 366 5.48 -20.60 -7.75
C SER A 366 4.44 -20.88 -6.67
N ASP A 367 4.43 -22.11 -6.17
CA ASP A 367 3.56 -22.47 -5.04
C ASP A 367 4.40 -22.93 -3.85
N PHE A 368 3.74 -23.10 -2.71
CA PHE A 368 4.38 -23.56 -1.47
C PHE A 368 5.34 -24.74 -1.65
N LYS A 369 4.83 -25.87 -2.15
CA LYS A 369 5.66 -27.07 -2.30
C LYS A 369 7.01 -26.72 -2.92
N GLU A 370 6.97 -25.97 -4.02
CA GLU A 370 8.18 -25.59 -4.75
C GLU A 370 9.11 -24.72 -3.92
N ALA A 371 8.55 -23.67 -3.30
CA ALA A 371 9.33 -22.72 -2.51
C ALA A 371 10.02 -23.39 -1.33
N ASP A 372 9.29 -24.24 -0.60
CA ASP A 372 9.87 -25.07 0.46
C ASP A 372 10.94 -26.01 -0.08
N ALA A 373 10.70 -26.60 -1.25
CA ALA A 373 11.70 -27.46 -1.90
C ALA A 373 12.94 -26.67 -2.32
N PHE A 374 12.75 -25.43 -2.75
CA PHE A 374 13.86 -24.56 -3.15
C PHE A 374 14.76 -24.23 -1.96
N TYR A 375 14.14 -24.07 -0.79
CA TYR A 375 14.87 -23.96 0.47
C TYR A 375 15.85 -25.10 0.66
N ASP A 376 15.36 -26.34 0.57
CA ASP A 376 16.18 -27.55 0.69
C ASP A 376 17.45 -27.41 -0.12
N LYS A 377 17.27 -27.28 -1.43
CA LYS A 377 18.38 -27.18 -2.35
C LYS A 377 19.31 -26.03 -1.99
N ASN A 378 18.79 -24.99 -1.36
CA ASN A 378 19.59 -23.78 -1.14
C ASN A 378 19.97 -23.42 0.28
N ARG A 379 18.97 -23.03 1.09
CA ARG A 379 19.18 -22.51 2.46
C ARG A 379 20.20 -21.35 2.53
N LYS A 380 21.47 -21.69 2.77
CA LYS A 380 22.52 -20.78 3.28
C LYS A 380 22.77 -21.31 4.67
N THR A 381 24.01 -21.72 4.91
CA THR A 381 24.42 -22.35 6.16
C THR A 381 23.96 -21.52 7.38
N ALA A 382 23.47 -22.17 8.42
CA ALA A 382 23.00 -21.45 9.62
C ALA A 382 24.12 -20.54 10.14
N ASP A 383 23.73 -19.35 10.63
CA ASP A 383 24.65 -18.25 10.96
C ASP A 383 24.95 -17.29 9.77
N SER A 384 24.70 -17.73 8.52
CA SER A 384 25.00 -16.96 7.29
C SER A 384 23.86 -16.02 6.84
N LYS A 385 23.58 -14.99 7.65
CA LYS A 385 22.32 -14.26 7.50
C LYS A 385 22.35 -12.77 7.00
N PRO A 386 21.83 -11.82 7.83
CA PRO A 386 20.98 -10.69 7.38
C PRO A 386 21.52 -9.81 6.26
N ASN A 387 22.24 -8.75 6.66
CA ASN A 387 22.47 -7.58 5.82
C ASN A 387 21.29 -6.67 6.18
N PHE A 388 21.60 -5.66 6.97
CA PHE A 388 20.59 -4.78 7.45
C PHE A 388 19.79 -4.17 6.28
N ILE A 389 20.55 -3.68 5.30
CA ILE A 389 20.03 -3.17 4.04
C ILE A 389 18.95 -4.05 3.44
N SER A 390 19.26 -5.33 3.25
CA SER A 390 18.33 -6.25 2.59
C SER A 390 17.08 -6.44 3.44
N ASP A 391 17.27 -6.54 4.75
CA ASP A 391 16.16 -6.65 5.68
C ASP A 391 15.27 -5.43 5.56
N CYS A 392 15.91 -4.27 5.51
CA CYS A 392 15.19 -3.03 5.49
C CYS A 392 14.44 -2.81 4.16
N PHE A 393 15.07 -3.15 3.05
CA PHE A 393 14.39 -3.08 1.75
C PHE A 393 13.11 -3.96 1.74
N PHE A 394 13.24 -5.23 2.12
CA PHE A 394 12.07 -6.10 2.05
C PHE A 394 10.98 -5.84 3.08
N LEU A 395 11.37 -5.38 4.25
CA LEU A 395 10.43 -4.87 5.24
C LEU A 395 9.68 -3.63 4.74
N THR A 396 10.39 -2.75 4.05
CA THR A 396 9.74 -1.60 3.45
C THR A 396 8.65 -2.06 2.48
N LEU A 397 8.95 -3.07 1.66
CA LEU A 397 7.94 -3.62 0.74
C LEU A 397 6.78 -4.29 1.49
N THR A 398 7.13 -4.92 2.61
CA THR A 398 6.11 -5.49 3.46
C THR A 398 5.18 -4.40 3.95
N TYR A 399 5.71 -3.32 4.48
CA TYR A 399 4.82 -2.29 5.00
C TYR A 399 4.16 -1.49 3.90
N LEU A 400 4.74 -1.40 2.71
CA LEU A 400 4.03 -0.66 1.66
C LEU A 400 2.68 -1.31 1.40
N HIS A 401 2.60 -2.61 1.61
CA HIS A 401 1.43 -3.39 1.25
C HIS A 401 0.50 -3.45 2.42
N TYR A 402 0.98 -4.00 3.54
CA TYR A 402 0.13 -4.16 4.71
C TYR A 402 -0.01 -2.86 5.50
N GLY A 403 0.97 -1.96 5.40
CA GLY A 403 0.91 -0.71 6.16
C GLY A 403 0.11 0.31 5.39
N LEU A 404 0.73 0.96 4.40
CA LEU A 404 0.02 1.96 3.58
C LEU A 404 -1.07 1.36 2.77
N GLY A 405 -0.82 0.16 2.24
CA GLY A 405 -1.82 -0.55 1.48
C GLY A 405 -3.13 -0.69 2.24
N GLY A 406 -3.05 -1.05 3.53
CA GLY A 406 -4.25 -1.15 4.38
C GLY A 406 -4.83 0.23 4.68
N THR A 407 -4.00 1.27 4.62
CA THR A 407 -4.43 2.59 4.93
C THR A 407 -5.23 3.17 3.77
N LEU A 408 -4.77 2.89 2.54
CA LEU A 408 -5.45 3.42 1.37
C LEU A 408 -6.75 2.70 1.06
N SER A 409 -6.80 1.40 1.34
CA SER A 409 -8.06 0.68 1.05
C SER A 409 -9.12 1.08 2.08
N PHE A 410 -8.68 1.41 3.29
CA PHE A 410 -9.55 1.95 4.29
C PHE A 410 -10.12 3.26 3.77
N GLU A 411 -9.33 4.11 3.12
CA GLU A 411 -9.89 5.41 2.73
C GLU A 411 -10.79 5.24 1.54
N GLU A 412 -10.43 4.30 0.68
CA GLU A 412 -11.09 4.09 -0.56
C GLU A 412 -12.58 3.72 -0.37
N LYS A 413 -12.88 2.88 0.63
CA LYS A 413 -14.24 2.38 0.87
C LYS A 413 -15.15 3.39 1.55
N MET A 414 -14.61 4.52 1.97
CA MET A 414 -15.33 5.43 2.83
C MET A 414 -16.47 6.16 2.12
N GLY A 415 -16.33 6.48 0.84
CA GLY A 415 -17.42 7.18 0.12
C GLY A 415 -18.70 6.38 0.17
N SER A 416 -18.61 5.06 0.03
CA SER A 416 -19.74 4.14 0.19
C SER A 416 -20.26 3.95 1.60
N GLU A 417 -19.35 3.89 2.56
CA GLU A 417 -19.78 3.78 3.92
C GLU A 417 -20.59 4.99 4.31
N ILE A 418 -20.16 6.17 3.83
CA ILE A 418 -20.81 7.43 4.15
C ILE A 418 -22.21 7.51 3.58
N LYS A 419 -22.36 7.14 2.33
CA LYS A 419 -23.63 7.17 1.65
C LYS A 419 -24.60 6.16 2.27
N ALA A 420 -24.16 4.96 2.58
CA ALA A 420 -25.02 3.98 3.27
C ALA A 420 -25.46 4.44 4.67
N LEU A 421 -24.52 5.02 5.40
CA LEU A 421 -24.78 5.54 6.75
C LEU A 421 -25.78 6.71 6.71
N LYS A 422 -25.62 7.63 5.74
CA LYS A 422 -26.60 8.71 5.58
C LYS A 422 -28.00 8.18 5.28
N GLU A 423 -28.08 7.09 4.52
CA GLU A 423 -29.38 6.46 4.20
C GLU A 423 -30.04 5.79 5.41
N GLU A 424 -29.27 5.07 6.21
CA GLU A 424 -29.84 4.53 7.45
C GLU A 424 -30.33 5.62 8.38
N ILE A 425 -29.57 6.70 8.49
CA ILE A 425 -29.93 7.75 9.44
C ILE A 425 -31.26 8.36 8.95
N GLU A 426 -31.38 8.55 7.64
CA GLU A 426 -32.56 9.17 7.01
C GLU A 426 -33.76 8.35 7.37
N LYS A 427 -33.62 7.04 7.24
CA LYS A 427 -34.69 6.12 7.56
C LYS A 427 -34.97 6.01 9.06
N VAL A 428 -33.95 5.99 9.91
CA VAL A 428 -34.29 5.89 11.33
C VAL A 428 -34.94 7.23 11.76
N LYS A 429 -34.64 8.31 11.04
CA LYS A 429 -35.24 9.59 11.40
C LYS A 429 -36.77 9.65 11.09
N LYS A 430 -37.29 8.68 10.35
CA LYS A 430 -38.70 8.71 9.98
C LYS A 430 -39.59 8.07 11.03
N ILE A 431 -39.00 7.29 11.94
CA ILE A 431 -39.78 6.53 12.88
C ILE A 431 -40.44 7.46 13.89
N ALA A 432 -41.71 7.21 14.17
CA ALA A 432 -42.51 7.91 15.15
C ALA A 432 -42.62 6.93 16.31
N ALA A 433 -41.91 7.23 17.38
CA ALA A 433 -41.78 6.35 18.50
C ALA A 433 -42.59 6.93 19.65
N ASN A 434 -43.80 6.41 19.80
CA ASN A 434 -44.82 6.79 20.78
C ASN A 434 -44.57 6.37 22.22
N HIS A 435 -43.74 5.37 22.40
CA HIS A 435 -43.47 4.74 23.66
C HIS A 435 -42.12 5.30 24.15
N ASP A 436 -42.07 5.73 25.41
CA ASP A 436 -40.89 6.38 25.96
C ASP A 436 -39.58 5.58 25.90
N VAL A 437 -39.63 4.30 26.27
CA VAL A 437 -38.50 3.40 26.11
C VAL A 437 -38.05 3.26 24.63
N PHE A 438 -39.00 3.16 23.72
CA PHE A 438 -38.67 2.94 22.33
C PHE A 438 -38.06 4.24 21.78
N ALA A 439 -38.65 5.37 22.14
CA ALA A 439 -38.09 6.66 21.75
C ALA A 439 -36.66 6.84 22.24
N ARG A 440 -36.36 6.42 23.46
CA ARG A 440 -34.97 6.47 23.92
C ARG A 440 -34.06 5.52 23.15
N PHE A 441 -34.57 4.33 22.85
CA PHE A 441 -33.78 3.41 22.05
C PHE A 441 -33.42 3.99 20.64
N ILE A 442 -34.42 4.55 19.95
CA ILE A 442 -34.24 5.08 18.59
C ILE A 442 -33.26 6.23 18.62
N THR A 443 -33.37 7.12 19.60
CA THR A 443 -32.46 8.28 19.67
C THR A 443 -31.05 7.81 19.95
N ALA A 444 -30.92 6.80 20.82
CA ALA A 444 -29.62 6.15 21.00
C ALA A 444 -29.12 5.56 19.69
N GLN A 445 -29.98 4.92 18.90
CA GLN A 445 -29.50 4.37 17.61
C GLN A 445 -29.03 5.51 16.65
N LEU A 446 -29.87 6.53 16.42
CA LEU A 446 -29.47 7.69 15.62
C LEU A 446 -28.15 8.26 16.08
N SER A 447 -28.01 8.39 17.37
CA SER A 447 -26.90 9.12 17.89
C SER A 447 -25.62 8.29 17.68
N LYS A 448 -25.68 6.99 17.91
CA LYS A 448 -24.55 6.15 17.58
C LYS A 448 -24.17 6.16 16.08
N MET A 449 -25.16 6.21 15.19
CA MET A 449 -24.87 6.22 13.76
C MET A 449 -24.31 7.59 13.38
N GLU A 450 -24.79 8.63 14.02
CA GLU A 450 -24.36 9.98 13.67
C GLU A 450 -22.89 10.20 14.05
N LYS A 451 -22.51 9.58 15.14
CA LYS A 451 -21.18 9.57 15.66
C LYS A 451 -20.23 8.74 14.76
N ALA A 452 -20.64 7.54 14.38
CA ALA A 452 -19.89 6.80 13.38
C ALA A 452 -19.73 7.63 12.08
N LEU A 453 -20.77 8.33 11.68
CA LEU A 453 -20.68 9.11 10.46
C LEU A 453 -19.70 10.26 10.59
N LYS A 454 -19.72 10.96 11.71
CA LYS A 454 -18.78 12.07 11.93
C LYS A 454 -17.33 11.53 11.98
N THR A 455 -17.15 10.35 12.57
CA THR A 455 -15.83 9.74 12.59
C THR A 455 -15.31 9.45 11.16
N THR A 456 -16.16 8.84 10.34
CA THR A 456 -15.79 8.47 9.00
C THR A 456 -15.53 9.68 8.12
N GLU A 457 -16.42 10.64 8.17
CA GLU A 457 -16.26 11.83 7.36
C GLU A 457 -14.99 12.59 7.79
N SER A 458 -14.75 12.69 9.09
CA SER A 458 -13.53 13.30 9.62
C SER A 458 -12.25 12.54 9.15
N LEU A 459 -12.25 11.23 9.34
CA LEU A 459 -11.14 10.43 8.88
C LEU A 459 -10.94 10.54 7.38
N ARG A 460 -11.99 10.65 6.59
CA ARG A 460 -11.76 10.70 5.14
C ARG A 460 -10.97 11.98 4.81
N PHE A 461 -11.41 13.11 5.36
CA PHE A 461 -10.61 14.31 5.20
C PHE A 461 -9.15 14.11 5.60
N ALA A 462 -8.91 13.55 6.80
CA ALA A 462 -7.54 13.43 7.27
C ALA A 462 -6.70 12.52 6.37
N LEU A 463 -7.26 11.39 6.00
CA LEU A 463 -6.56 10.50 5.11
C LEU A 463 -6.27 11.19 3.78
N GLN A 464 -7.17 12.07 3.34
CA GLN A 464 -6.94 12.76 2.08
C GLN A 464 -5.80 13.75 2.26
N GLY A 465 -5.80 14.41 3.40
CA GLY A 465 -4.73 15.31 3.76
C GLY A 465 -3.39 14.63 3.71
N PHE A 466 -3.34 13.39 4.18
CA PHE A 466 -2.14 12.58 4.22
C PHE A 466 -1.71 12.14 2.84
N PHE A 467 -2.61 11.51 2.10
CA PHE A 467 -2.20 11.10 0.75
C PHE A 467 -1.95 12.24 -0.24
N ALA A 468 -2.48 13.43 0.02
CA ALA A 468 -2.26 14.57 -0.84
C ALA A 468 -0.95 15.27 -0.44
N HIS A 469 -0.36 14.83 0.69
CA HIS A 469 0.97 15.31 1.13
C HIS A 469 2.16 14.86 0.23
N ARG A 470 2.36 15.59 -0.86
CA ARG A 470 3.35 15.27 -1.88
C ARG A 470 4.75 15.03 -1.38
N SER A 471 5.19 15.88 -0.48
CA SER A 471 6.50 15.72 0.06
C SER A 471 6.76 14.33 0.67
N LEU A 472 5.79 13.80 1.40
CA LEU A 472 5.89 12.47 1.96
C LEU A 472 5.62 11.39 0.93
N GLN A 473 4.67 11.61 0.03
CA GLN A 473 4.24 10.54 -0.88
C GLN A 473 5.29 10.28 -1.96
N LEU A 474 5.97 11.37 -2.32
CA LEU A 474 7.15 11.37 -3.17
C LEU A 474 8.18 10.34 -2.76
N GLU A 475 8.46 10.29 -1.45
CA GLU A 475 9.40 9.31 -0.90
C GLU A 475 8.89 7.90 -1.12
N VAL A 476 7.57 7.72 -0.96
CA VAL A 476 7.00 6.40 -1.15
C VAL A 476 7.20 6.04 -2.62
N PHE A 477 6.82 6.92 -3.53
CA PHE A 477 6.96 6.62 -4.93
C PHE A 477 8.40 6.44 -5.41
N ASP A 478 9.29 7.24 -4.90
CA ASP A 478 10.65 7.12 -5.29
C ASP A 478 11.18 5.79 -4.78
N PHE A 479 10.85 5.42 -3.55
CA PHE A 479 11.13 4.05 -3.15
C PHE A 479 10.60 3.05 -4.19
N ILE A 480 9.37 3.24 -4.63
CA ILE A 480 8.80 2.26 -5.55
C ILE A 480 9.59 2.21 -6.88
N CYS A 481 10.08 3.37 -7.33
CA CYS A 481 10.78 3.46 -8.59
C CYS A 481 12.08 2.72 -8.44
N GLY A 482 12.80 3.01 -7.37
CA GLY A 482 13.99 2.23 -6.98
C GLY A 482 13.72 0.74 -6.87
N ALA A 483 12.64 0.35 -6.19
CA ALA A 483 12.34 -1.06 -6.09
C ALA A 483 12.12 -1.68 -7.48
N SER A 484 11.63 -0.91 -8.44
CA SER A 484 11.38 -1.44 -9.78
C SER A 484 12.68 -1.74 -10.48
N THR A 485 13.65 -0.83 -10.35
CA THR A 485 14.95 -1.04 -10.96
C THR A 485 15.56 -2.28 -10.35
N PHE A 486 15.48 -2.40 -9.03
CA PHE A 486 16.04 -3.55 -8.38
C PHE A 486 15.39 -4.83 -8.91
N LEU A 487 14.08 -4.82 -9.06
CA LEU A 487 13.42 -6.02 -9.53
C LEU A 487 13.81 -6.32 -10.96
N ILE A 488 14.10 -5.30 -11.76
CA ILE A 488 14.49 -5.59 -13.14
C ILE A 488 15.83 -6.34 -13.04
N ARG A 489 16.70 -5.91 -12.13
CA ARG A 489 17.99 -6.54 -11.97
C ARG A 489 17.91 -7.98 -11.54
N VAL A 490 17.04 -8.29 -10.58
CA VAL A 490 16.87 -9.66 -10.18
C VAL A 490 16.45 -10.52 -11.38
N VAL A 491 15.71 -9.93 -12.31
CA VAL A 491 15.20 -10.69 -13.44
C VAL A 491 16.28 -10.87 -14.47
N ASP A 492 17.03 -9.80 -14.73
CA ASP A 492 18.13 -9.84 -15.68
C ASP A 492 18.98 -11.10 -15.50
N PRO A 493 19.02 -11.98 -16.53
CA PRO A 493 19.91 -13.15 -16.43
C PRO A 493 21.35 -12.77 -16.04
N GLU A 494 21.83 -11.64 -16.58
CA GLU A 494 23.15 -11.06 -16.32
C GLU A 494 23.25 -10.36 -14.99
N HIS A 495 22.10 -9.91 -14.46
CA HIS A 495 22.03 -9.18 -13.22
C HIS A 495 22.85 -7.92 -13.31
N GLU A 496 22.81 -7.32 -14.50
CA GLU A 496 23.59 -6.13 -14.80
C GLU A 496 22.76 -4.82 -14.85
N PHE A 497 21.46 -4.95 -15.10
CA PHE A 497 20.57 -3.79 -15.14
C PHE A 497 20.64 -2.99 -13.85
N PRO A 498 20.53 -1.63 -13.93
CA PRO A 498 20.27 -0.68 -15.04
C PRO A 498 21.55 -0.20 -15.72
N PHE A 499 22.66 -0.88 -15.40
CA PHE A 499 23.96 -0.57 -15.97
C PHE A 499 24.12 -1.15 -17.37
N LYS A 500 23.44 -2.26 -17.65
CA LYS A 500 23.26 -2.72 -19.04
C LYS A 500 21.80 -3.00 -19.26
N GLN A 501 21.31 -2.66 -20.44
CA GLN A 501 19.94 -2.97 -20.84
C GLN A 501 19.70 -4.46 -20.62
N ILE A 502 18.46 -4.79 -20.29
CA ILE A 502 18.02 -6.16 -20.17
C ILE A 502 17.37 -6.52 -21.50
N LYS A 503 17.61 -7.74 -22.00
CA LYS A 503 17.10 -8.14 -23.32
C LYS A 503 15.80 -8.88 -23.14
N LEU A 504 14.76 -8.42 -23.83
CA LEU A 504 13.46 -9.08 -23.76
C LEU A 504 13.13 -9.56 -25.15
N PRO A 505 12.42 -10.69 -25.28
CA PRO A 505 11.91 -11.48 -24.15
C PRO A 505 12.98 -12.40 -23.62
N LEU A 506 12.74 -12.95 -22.43
CA LEU A 506 13.73 -13.80 -21.77
C LEU A 506 13.73 -15.14 -22.42
N ILE A 507 12.55 -15.61 -22.80
CA ILE A 507 12.42 -16.83 -23.52
C ILE A 507 11.65 -16.55 -24.81
N PRO A 508 11.87 -17.36 -25.86
CA PRO A 508 11.19 -17.12 -27.15
C PRO A 508 9.67 -17.11 -27.03
N ASP A 509 9.02 -16.26 -27.81
CA ASP A 509 7.56 -16.14 -27.80
C ASP A 509 6.88 -17.47 -28.20
N GLN A 510 5.90 -17.90 -27.40
CA GLN A 510 5.23 -19.20 -27.59
C GLN A 510 3.98 -19.13 -28.46
N ILE A 511 4.01 -19.92 -29.53
CA ILE A 511 3.03 -19.90 -30.60
C ILE A 511 1.85 -20.83 -30.31
N VAL A 516 -2.19 -23.49 -25.21
CA VAL A 516 -3.23 -24.28 -24.56
C VAL A 516 -2.69 -24.95 -23.27
N ASP A 517 -2.89 -24.29 -22.12
CA ASP A 517 -2.45 -24.77 -20.78
C ASP A 517 -0.93 -24.84 -20.51
N ASN A 518 -0.24 -23.78 -20.89
CA ASN A 518 1.19 -23.68 -20.71
C ASN A 518 1.61 -23.14 -19.33
N ALA A 519 0.65 -22.90 -18.43
CA ALA A 519 1.00 -22.42 -17.09
C ALA A 519 2.18 -23.22 -16.48
N ASP A 520 2.12 -24.55 -16.62
CA ASP A 520 3.21 -25.46 -16.19
C ASP A 520 4.51 -25.17 -16.91
N PHE A 521 4.45 -25.12 -18.24
CA PHE A 521 5.60 -24.70 -19.03
C PHE A 521 6.16 -23.35 -18.54
N LEU A 522 5.30 -22.34 -18.43
CA LEU A 522 5.75 -21.01 -18.08
C LEU A 522 6.38 -20.97 -16.68
N ARG A 523 5.74 -21.68 -15.75
CA ARG A 523 6.24 -21.77 -14.39
C ARG A 523 7.62 -22.39 -14.39
N ALA A 524 7.79 -23.42 -15.24
CA ALA A 524 9.03 -24.16 -15.32
C ALA A 524 10.19 -23.36 -15.87
N HIS A 525 9.93 -22.46 -16.81
CA HIS A 525 10.98 -21.59 -17.35
C HIS A 525 10.96 -20.16 -16.74
N ALA A 526 10.20 -20.01 -15.66
CA ALA A 526 10.20 -18.75 -14.96
C ALA A 526 11.58 -18.51 -14.32
N PRO A 527 12.02 -17.25 -14.27
CA PRO A 527 13.39 -17.08 -13.79
C PRO A 527 13.53 -17.16 -12.26
N VAL A 528 14.70 -17.62 -11.81
CA VAL A 528 15.01 -17.92 -10.42
C VAL A 528 16.08 -16.92 -9.95
N PRO A 529 15.89 -16.30 -8.77
CA PRO A 529 14.85 -16.54 -7.75
C PRO A 529 13.53 -15.76 -7.88
N PHE A 530 13.47 -14.74 -8.74
CA PHE A 530 12.26 -13.91 -8.90
C PHE A 530 10.93 -14.66 -8.73
N LYS A 531 10.79 -15.84 -9.36
CA LYS A 531 9.54 -16.61 -9.30
C LYS A 531 9.12 -16.97 -7.88
N TYR A 532 10.05 -16.90 -6.94
CA TYR A 532 9.80 -17.18 -5.54
C TYR A 532 9.53 -15.94 -4.68
N TYR A 533 9.77 -14.75 -5.22
CA TYR A 533 9.50 -13.54 -4.48
C TYR A 533 8.00 -13.48 -4.14
N PRO A 534 7.64 -12.87 -2.99
CA PRO A 534 6.22 -12.82 -2.65
C PRO A 534 5.43 -11.93 -3.60
N GLU A 535 4.16 -12.22 -3.81
CA GLU A 535 3.38 -11.31 -4.66
C GLU A 535 3.35 -9.89 -4.09
N PHE A 536 3.42 -9.76 -2.76
CA PHE A 536 3.28 -8.43 -2.22
C PHE A 536 4.30 -7.40 -2.75
N VAL A 537 5.47 -7.90 -3.19
CA VAL A 537 6.49 -7.00 -3.73
C VAL A 537 6.01 -6.34 -5.02
N VAL A 538 5.03 -6.90 -5.69
CA VAL A 538 4.46 -6.27 -6.89
C VAL A 538 3.11 -5.63 -6.58
N GLU A 539 2.30 -6.28 -5.75
CA GLU A 539 0.97 -5.79 -5.47
C GLU A 539 0.99 -4.49 -4.63
N GLY A 540 1.93 -4.38 -3.70
CA GLY A 540 2.07 -3.16 -2.89
C GLY A 540 2.26 -1.93 -3.79
N PRO A 541 3.28 -1.95 -4.66
CA PRO A 541 3.53 -0.83 -5.57
C PRO A 541 2.40 -0.53 -6.49
N VAL A 542 1.76 -1.57 -7.00
CA VAL A 542 0.71 -1.23 -7.92
C VAL A 542 -0.55 -0.74 -7.23
N ASN A 543 -0.93 -1.35 -6.11
CA ASN A 543 -2.09 -0.82 -5.34
C ASN A 543 -1.86 0.64 -4.98
N TYR A 544 -0.71 0.92 -4.41
CA TYR A 544 -0.33 2.28 -4.11
C TYR A 544 -0.43 3.23 -5.33
N SER A 545 0.18 2.85 -6.45
CA SER A 545 0.20 3.69 -7.64
C SER A 545 -1.16 3.94 -8.28
N LEU A 546 -1.99 2.90 -8.38
CA LEU A 546 -3.34 3.09 -8.85
C LEU A 546 -4.06 4.08 -7.95
N TYR A 547 -4.04 3.81 -6.64
CA TYR A 547 -4.77 4.63 -5.71
C TYR A 547 -4.22 6.07 -5.74
N ILE A 548 -2.89 6.25 -5.63
CA ILE A 548 -2.34 7.60 -5.44
C ILE A 548 -2.62 8.51 -6.66
N SER A 549 -2.97 7.87 -7.76
CA SER A 549 -3.28 8.54 -9.02
C SER A 549 -4.48 9.43 -9.02
N LYS A 550 -5.41 9.26 -8.06
CA LYS A 550 -6.60 10.10 -8.01
CA LYS A 550 -6.62 10.10 -7.97
C LYS A 550 -6.30 11.47 -7.39
N TYR A 551 -5.10 11.64 -6.83
CA TYR A 551 -4.76 12.93 -6.21
C TYR A 551 -4.11 13.87 -7.17
N GLN A 552 -4.62 15.09 -7.22
CA GLN A 552 -4.08 16.14 -8.05
C GLN A 552 -2.56 16.32 -7.77
N THR A 553 -2.17 16.23 -6.49
CA THR A 553 -0.78 16.38 -6.09
C THR A 553 -0.02 15.05 -6.12
N SER A 554 -0.57 14.06 -6.82
CA SER A 554 0.06 12.76 -6.92
C SER A 554 1.60 12.86 -7.13
N PRO A 555 2.37 12.03 -6.40
CA PRO A 555 3.84 12.03 -6.57
C PRO A 555 4.26 11.43 -7.90
N ILE A 556 3.31 10.85 -8.63
CA ILE A 556 3.65 10.14 -9.84
C ILE A 556 3.74 11.09 -11.01
N PHE A 557 2.89 12.10 -10.99
CA PHE A 557 2.78 13.09 -12.04
C PHE A 557 4.10 13.86 -12.13
N ARG A 558 4.67 13.82 -13.34
CA ARG A 558 5.94 14.47 -13.70
C ARG A 558 7.18 14.09 -12.85
N ASN A 559 7.21 12.85 -12.38
CA ASN A 559 8.30 12.43 -11.56
C ASN A 559 9.34 11.82 -12.48
N PRO A 560 10.57 12.37 -12.49
CA PRO A 560 11.57 11.87 -13.43
C PRO A 560 11.96 10.42 -13.18
N ARG A 561 11.64 9.85 -12.04
CA ARG A 561 11.93 8.43 -11.84
C ARG A 561 10.79 7.51 -12.29
N LEU A 562 9.70 8.07 -12.78
CA LEU A 562 8.53 7.26 -13.13
C LEU A 562 8.90 6.14 -14.11
N GLY A 563 9.83 6.45 -15.00
CA GLY A 563 10.25 5.53 -16.03
C GLY A 563 10.68 4.17 -15.51
N SER A 564 11.28 4.12 -14.33
CA SER A 564 11.74 2.82 -13.80
C SER A 564 10.57 1.89 -13.58
N PHE A 565 9.52 2.42 -12.96
CA PHE A 565 8.27 1.68 -12.76
C PHE A 565 7.54 1.31 -14.07
N VAL A 566 7.48 2.23 -15.03
CA VAL A 566 6.89 1.86 -16.30
C VAL A 566 7.69 0.74 -16.93
N GLU A 567 9.01 0.80 -16.76
CA GLU A 567 9.92 -0.22 -17.30
C GLU A 567 9.59 -1.60 -16.70
N PHE A 568 9.40 -1.64 -15.39
CA PHE A 568 9.17 -2.88 -14.72
C PHE A 568 7.83 -3.49 -15.18
N THR A 569 6.82 -2.64 -15.20
CA THR A 569 5.49 -3.01 -15.67
C THR A 569 5.50 -3.61 -17.04
N THR A 570 6.20 -2.96 -17.98
CA THR A 570 6.26 -3.43 -19.37
C THR A 570 6.95 -4.80 -19.48
N MET A 571 8.09 -4.93 -18.79
CA MET A 571 8.75 -6.23 -18.68
C MET A 571 7.77 -7.30 -18.17
N VAL A 572 6.99 -6.97 -17.15
CA VAL A 572 6.06 -7.91 -16.56
C VAL A 572 4.98 -8.31 -17.58
N LEU A 573 4.42 -7.35 -18.31
CA LEU A 573 3.44 -7.63 -19.34
C LEU A 573 4.04 -8.29 -20.58
N ARG A 574 5.32 -8.05 -20.83
CA ARG A 574 5.96 -8.64 -21.97
C ARG A 574 6.25 -10.13 -21.74
N CYS A 575 6.66 -10.50 -20.53
CA CYS A 575 7.09 -11.87 -20.23
C CYS A 575 6.11 -12.55 -19.29
N PRO A 576 5.23 -13.41 -19.83
CA PRO A 576 4.09 -13.96 -19.02
C PRO A 576 4.49 -14.94 -17.90
N GLU A 577 5.73 -15.39 -17.96
CA GLU A 577 6.37 -16.28 -16.99
C GLU A 577 6.67 -15.58 -15.67
N LEU A 578 6.76 -14.25 -15.70
CA LEU A 578 7.19 -13.54 -14.50
C LEU A 578 6.14 -13.51 -13.42
N VAL A 579 4.94 -13.05 -13.76
CA VAL A 579 3.87 -12.94 -12.79
C VAL A 579 2.68 -13.72 -13.32
N SER A 580 2.31 -14.80 -12.64
CA SER A 580 1.23 -15.67 -13.14
C SER A 580 -0.14 -15.08 -12.88
N ASN A 581 -0.23 -14.23 -11.86
CA ASN A 581 -1.54 -13.74 -11.44
C ASN A 581 -2.14 -12.68 -12.41
N PRO A 582 -3.24 -13.05 -13.09
CA PRO A 582 -3.78 -12.12 -14.08
C PRO A 582 -4.57 -10.96 -13.48
N HIS A 583 -5.04 -11.08 -12.25
CA HIS A 583 -5.62 -9.90 -11.64
C HIS A 583 -4.53 -8.81 -11.45
N LEU A 584 -3.33 -9.25 -11.04
CA LEU A 584 -2.23 -8.36 -10.78
C LEU A 584 -1.81 -7.67 -12.07
N LYS A 585 -1.72 -8.45 -13.13
CA LYS A 585 -1.33 -7.89 -14.40
C LYS A 585 -2.42 -6.94 -14.90
N GLY A 586 -3.65 -7.28 -14.58
CA GLY A 586 -4.79 -6.42 -14.88
C GLY A 586 -4.60 -5.04 -14.26
N LYS A 587 -4.13 -5.01 -13.03
CA LYS A 587 -3.93 -3.76 -12.32
C LYS A 587 -2.83 -2.94 -12.99
N LEU A 588 -1.81 -3.66 -13.47
CA LEU A 588 -0.67 -3.03 -14.08
C LEU A 588 -1.07 -2.35 -15.39
N VAL A 589 -1.92 -3.02 -16.19
CA VAL A 589 -2.22 -2.46 -17.47
C VAL A 589 -3.22 -1.35 -17.20
N GLN A 590 -4.03 -1.48 -16.15
CA GLN A 590 -4.85 -0.34 -15.78
C GLN A 590 -4.01 0.89 -15.47
N LEU A 591 -2.86 0.64 -14.85
CA LEU A 591 -1.97 1.72 -14.51
C LEU A 591 -1.40 2.37 -15.75
N LEU A 592 -0.99 1.59 -16.72
CA LEU A 592 -0.46 2.18 -17.94
C LEU A 592 -1.57 2.98 -18.59
N SER A 593 -2.79 2.49 -18.51
CA SER A 593 -3.87 3.19 -19.19
C SER A 593 -4.09 4.55 -18.53
N VAL A 594 -3.95 4.65 -17.21
CA VAL A 594 -4.05 5.95 -16.56
C VAL A 594 -2.97 6.95 -17.07
N GLY A 595 -1.79 6.44 -17.34
CA GLY A 595 -0.76 7.30 -17.85
C GLY A 595 -0.89 7.58 -19.33
N ALA A 596 -1.90 6.98 -19.95
CA ALA A 596 -2.04 7.10 -21.38
C ALA A 596 -3.16 8.08 -21.64
N MET A 597 -4.06 8.21 -20.67
CA MET A 597 -5.23 9.06 -20.88
C MET A 597 -4.80 10.50 -21.21
N PRO A 598 -5.33 11.09 -22.29
CA PRO A 598 -4.98 12.48 -22.59
C PRO A 598 -5.36 13.38 -21.43
N LEU A 599 -4.68 14.50 -21.27
CA LEU A 599 -5.03 15.42 -20.18
C LEU A 599 -6.29 16.22 -20.51
N THR A 600 -6.83 16.90 -19.49
CA THR A 600 -8.06 17.70 -19.63
C THR A 600 -7.90 18.81 -20.68
N ASP A 601 -6.66 19.25 -20.91
CA ASP A 601 -6.32 20.18 -21.99
C ASP A 601 -5.85 19.50 -23.30
N ASN A 602 -5.98 18.17 -23.37
CA ASN A 602 -5.73 17.35 -24.61
C ASN A 602 -4.26 17.10 -24.96
N SER A 603 -3.38 17.59 -24.11
CA SER A 603 -2.00 17.15 -24.12
C SER A 603 -1.94 15.62 -23.92
N PRO A 604 -0.85 14.99 -24.38
CA PRO A 604 -0.56 13.59 -24.09
C PRO A 604 -0.63 13.27 -22.61
N GLY A 605 -1.08 12.06 -22.29
CA GLY A 605 -1.04 11.50 -20.95
C GLY A 605 0.37 11.51 -20.36
N PHE A 606 0.47 11.48 -19.05
CA PHE A 606 1.76 11.71 -18.38
C PHE A 606 2.84 10.65 -18.63
N MET A 607 2.47 9.48 -19.14
CA MET A 607 3.47 8.45 -19.44
C MET A 607 3.84 8.43 -20.94
N MET A 608 3.16 9.21 -21.74
CA MET A 608 3.40 9.17 -23.20
C MET A 608 4.84 9.36 -23.59
N ASP A 609 5.50 10.26 -22.85
CA ASP A 609 6.88 10.59 -23.07
C ASP A 609 7.79 9.41 -22.85
N ILE A 610 7.60 8.71 -21.75
CA ILE A 610 8.34 7.49 -21.48
C ILE A 610 8.04 6.42 -22.55
N PHE A 611 6.78 6.26 -22.92
CA PHE A 611 6.39 5.25 -23.89
C PHE A 611 7.22 5.46 -25.15
N GLU A 612 7.37 6.71 -25.56
CA GLU A 612 8.13 7.04 -26.76
C GLU A 612 9.65 6.90 -26.61
N HIS A 613 10.23 7.46 -25.55
CA HIS A 613 11.70 7.59 -25.53
C HIS A 613 12.52 6.56 -24.74
N ASP A 614 11.89 5.74 -23.90
CA ASP A 614 12.61 4.71 -23.12
C ASP A 614 12.78 3.46 -23.97
N GLU A 615 14.01 3.10 -24.31
CA GLU A 615 14.25 1.99 -25.27
C GLU A 615 13.61 0.71 -24.80
N LEU A 616 13.63 0.49 -23.49
CA LEU A 616 13.12 -0.74 -22.98
C LEU A 616 11.61 -0.83 -23.18
N VAL A 617 10.90 0.27 -22.94
CA VAL A 617 9.47 0.32 -23.15
C VAL A 617 9.11 0.29 -24.66
N ASN A 618 9.81 1.10 -25.48
CA ASN A 618 9.34 1.26 -26.86
C ASN A 618 9.64 0.02 -27.67
N LYS A 619 10.53 -0.82 -27.17
CA LYS A 619 10.85 -2.09 -27.78
C LYS A 619 9.86 -3.15 -27.40
N ASN A 620 9.12 -2.96 -26.31
CA ASN A 620 8.32 -4.08 -25.84
C ASN A 620 6.84 -3.88 -25.66
N LEU A 621 6.42 -2.63 -25.45
CA LEU A 621 5.07 -2.33 -25.01
C LEU A 621 4.01 -2.82 -25.94
N LEU A 622 4.14 -2.42 -27.20
CA LEU A 622 3.11 -2.76 -28.19
C LEU A 622 2.86 -4.27 -28.23
N TYR A 623 3.90 -5.05 -28.41
CA TYR A 623 3.81 -6.52 -28.39
C TYR A 623 3.21 -7.02 -27.08
N ALA A 624 3.69 -6.49 -25.96
CA ALA A 624 3.14 -6.85 -24.65
C ALA A 624 1.62 -6.65 -24.59
N LEU A 625 1.12 -5.56 -25.17
CA LEU A 625 -0.31 -5.24 -25.12
C LEU A 625 -1.13 -6.16 -25.99
N LEU A 626 -0.63 -6.38 -27.19
CA LEU A 626 -1.35 -7.24 -28.14
C LEU A 626 -1.36 -8.66 -27.62
N ASP A 627 -0.24 -9.15 -27.09
CA ASP A 627 -0.23 -10.46 -26.48
C ASP A 627 -1.18 -10.58 -25.29
N PHE A 628 -1.06 -9.64 -24.36
CA PHE A 628 -1.90 -9.69 -23.17
C PHE A 628 -3.39 -9.56 -23.49
N TYR A 629 -3.72 -8.87 -24.57
CA TYR A 629 -5.12 -8.75 -24.94
C TYR A 629 -5.73 -10.13 -25.16
N VAL A 630 -4.95 -11.02 -25.75
CA VAL A 630 -5.42 -12.38 -26.06
C VAL A 630 -5.40 -13.27 -24.82
N ILE A 631 -4.25 -13.32 -24.16
CA ILE A 631 -4.03 -14.22 -23.05
C ILE A 631 -4.99 -14.11 -21.85
N VAL A 632 -5.51 -12.91 -21.55
CA VAL A 632 -6.49 -12.74 -20.47
C VAL A 632 -7.73 -13.59 -20.67
N GLU A 633 -7.90 -14.21 -21.83
CA GLU A 633 -9.08 -15.02 -22.11
C GLU A 633 -9.14 -16.21 -21.17
N LYS A 634 -7.99 -16.88 -20.98
CA LYS A 634 -7.94 -18.09 -20.19
C LYS A 634 -8.21 -17.78 -18.71
N THR A 635 -9.50 -17.80 -18.34
CA THR A 635 -10.00 -17.50 -16.98
C THR A 635 -9.33 -16.25 -16.33
N GLY A 636 -9.57 -15.09 -16.92
CA GLY A 636 -8.97 -13.84 -16.43
C GLY A 636 -9.91 -12.64 -16.33
N SER A 639 -16.67 -14.42 -10.94
CA SER A 639 -16.70 -13.29 -11.87
C SER A 639 -15.33 -12.62 -12.01
N GLN A 640 -14.83 -12.04 -10.90
CA GLN A 640 -13.55 -11.28 -10.83
C GLN A 640 -13.68 -9.90 -11.54
N PHE A 641 -12.93 -8.89 -11.09
CA PHE A 641 -13.25 -7.50 -11.48
C PHE A 641 -12.12 -6.63 -12.09
N TYR A 642 -10.92 -7.22 -12.20
CA TYR A 642 -9.95 -6.79 -13.22
C TYR A 642 -10.09 -7.81 -14.38
N ASP A 643 -11.38 -8.05 -14.71
CA ASP A 643 -11.91 -8.74 -15.90
C ASP A 643 -11.05 -8.72 -17.15
N LYS A 644 -11.20 -9.78 -17.94
CA LYS A 644 -10.68 -9.75 -19.29
C LYS A 644 -11.25 -8.53 -20.03
N PHE A 645 -12.45 -8.12 -19.67
CA PHE A 645 -13.07 -7.02 -20.43
C PHE A 645 -12.58 -5.67 -19.97
N ASN A 646 -12.25 -5.57 -18.68
CA ASN A 646 -11.68 -4.36 -18.12
C ASN A 646 -10.24 -4.18 -18.61
N SER A 647 -9.46 -5.26 -18.56
CA SER A 647 -8.13 -5.27 -19.15
C SER A 647 -8.13 -4.90 -20.62
N ARG A 648 -9.06 -5.49 -21.39
CA ARG A 648 -9.15 -5.13 -22.81
C ARG A 648 -9.51 -3.65 -22.95
N TYR A 649 -10.26 -3.12 -21.99
CA TYR A 649 -10.71 -1.75 -22.12
C TYR A 649 -9.47 -0.89 -21.85
N SER A 650 -8.77 -1.22 -20.78
CA SER A 650 -7.51 -0.56 -20.50
C SER A 650 -6.51 -0.60 -21.64
N ILE A 651 -6.34 -1.79 -22.27
CA ILE A 651 -5.39 -1.96 -23.38
C ILE A 651 -5.81 -1.08 -24.53
N SER A 652 -7.10 -1.01 -24.77
CA SER A 652 -7.54 -0.30 -25.94
C SER A 652 -7.26 1.19 -25.85
N ILE A 653 -7.33 1.72 -24.64
CA ILE A 653 -7.03 3.11 -24.42
C ILE A 653 -5.59 3.39 -24.76
N ILE A 654 -4.68 2.51 -24.32
CA ILE A 654 -3.27 2.72 -24.56
C ILE A 654 -3.01 2.56 -26.07
N LEU A 655 -3.64 1.56 -26.67
CA LEU A 655 -3.42 1.28 -28.09
C LEU A 655 -3.83 2.46 -28.96
N GLU A 656 -4.95 3.07 -28.59
CA GLU A 656 -5.48 4.15 -29.37
C GLU A 656 -4.56 5.37 -29.26
N GLU A 657 -4.20 5.74 -28.03
CA GLU A 657 -3.33 6.88 -27.83
C GLU A 657 -1.94 6.69 -28.46
N LEU A 658 -1.34 5.52 -28.26
CA LEU A 658 -0.05 5.23 -28.90
C LEU A 658 -0.15 5.55 -30.39
N TYR A 659 -1.22 5.05 -31.02
CA TYR A 659 -1.44 5.18 -32.44
C TYR A 659 -1.61 6.61 -32.90
N TYR A 660 -2.29 7.46 -32.15
CA TYR A 660 -2.46 8.85 -32.55
C TYR A 660 -1.22 9.70 -32.39
N LYS A 661 -0.50 9.49 -31.28
CA LYS A 661 0.45 10.49 -30.86
C LYS A 661 1.89 10.07 -31.02
N ILE A 662 2.14 8.79 -31.30
CA ILE A 662 3.54 8.32 -31.40
C ILE A 662 3.85 7.47 -32.64
N PRO A 663 4.40 8.13 -33.69
CA PRO A 663 4.60 7.50 -35.02
C PRO A 663 5.30 6.13 -34.96
N SER A 664 6.35 5.97 -34.15
CA SER A 664 7.05 4.70 -34.05
C SER A 664 6.13 3.51 -33.61
N TYR A 665 5.08 3.82 -32.83
CA TYR A 665 4.07 2.79 -32.41
C TYR A 665 3.07 2.47 -33.52
N LYS A 666 2.62 3.49 -34.26
CA LYS A 666 1.86 3.27 -35.48
C LYS A 666 2.61 2.32 -36.39
N ASN A 667 3.89 2.60 -36.60
CA ASN A 667 4.77 1.74 -37.40
C ASN A 667 4.93 0.32 -36.87
N GLN A 668 5.08 0.13 -35.55
CA GLN A 668 5.23 -1.23 -35.09
C GLN A 668 3.90 -1.97 -35.22
N LEU A 669 2.78 -1.26 -35.05
CA LEU A 669 1.51 -1.86 -35.29
C LEU A 669 1.34 -2.35 -36.75
N ILE A 670 1.61 -1.49 -37.72
CA ILE A 670 1.58 -1.85 -39.13
C ILE A 670 2.58 -2.99 -39.46
N TRP A 671 3.78 -2.90 -38.88
CA TRP A 671 4.81 -3.93 -39.03
C TRP A 671 4.26 -5.27 -38.55
N GLN A 672 3.75 -5.31 -37.32
CA GLN A 672 3.23 -6.55 -36.79
C GLN A 672 2.22 -7.15 -37.77
N SER A 673 1.36 -6.31 -38.36
CA SER A 673 0.32 -6.85 -39.23
C SER A 673 0.86 -7.33 -40.57
N GLN A 674 1.97 -6.72 -41.02
CA GLN A 674 2.55 -7.11 -42.28
C GLN A 674 3.55 -8.25 -42.12
N ASN A 675 4.25 -8.29 -41.00
CA ASN A 675 5.38 -9.21 -40.84
C ASN A 675 5.22 -10.26 -39.74
N ASN A 676 4.19 -10.12 -38.92
CA ASN A 676 3.90 -11.10 -37.89
C ASN A 676 2.39 -11.32 -37.84
N ALA A 677 1.83 -11.54 -39.02
CA ALA A 677 0.40 -11.64 -39.24
C ALA A 677 -0.32 -12.60 -38.30
N ASP A 678 0.24 -13.78 -38.06
CA ASP A 678 -0.43 -14.74 -37.19
C ASP A 678 -0.64 -14.17 -35.80
N PHE A 679 0.36 -13.46 -35.31
CA PHE A 679 0.22 -12.87 -34.00
C PHE A 679 -0.82 -11.75 -34.12
N PHE A 680 -0.66 -10.91 -35.13
CA PHE A 680 -1.59 -9.80 -35.25
C PHE A 680 -3.03 -10.25 -35.40
N VAL A 681 -3.25 -11.29 -36.21
CA VAL A 681 -4.61 -11.77 -36.48
C VAL A 681 -5.32 -12.34 -35.27
N ARG A 682 -4.55 -12.91 -34.36
CA ARG A 682 -5.06 -13.51 -33.15
C ARG A 682 -5.69 -12.44 -32.23
N PHE A 683 -5.04 -11.28 -32.15
CA PHE A 683 -5.56 -10.14 -31.44
C PHE A 683 -6.88 -9.66 -32.10
N VAL A 684 -6.87 -9.55 -33.41
CA VAL A 684 -8.03 -9.02 -34.11
C VAL A 684 -9.21 -9.98 -33.97
N ALA A 685 -8.96 -11.28 -34.17
CA ALA A 685 -10.04 -12.27 -34.07
C ALA A 685 -10.71 -12.12 -32.70
N ARG A 686 -9.91 -11.99 -31.65
CA ARG A 686 -10.44 -11.73 -30.34
C ARG A 686 -11.24 -10.44 -30.24
N MET A 687 -10.66 -9.32 -30.68
CA MET A 687 -11.40 -8.07 -30.70
C MET A 687 -12.73 -8.23 -31.45
N LEU A 688 -12.70 -8.94 -32.59
CA LEU A 688 -13.85 -9.14 -33.47
C LEU A 688 -14.90 -9.95 -32.70
N ASN A 689 -14.50 -11.11 -32.18
CA ASN A 689 -15.42 -11.98 -31.50
C ASN A 689 -16.12 -11.32 -30.29
N ASP A 690 -15.39 -10.53 -29.51
CA ASP A 690 -16.03 -9.92 -28.37
C ASP A 690 -17.06 -8.95 -28.94
N LEU A 691 -16.75 -8.32 -30.09
CA LEU A 691 -17.68 -7.34 -30.68
C LEU A 691 -18.94 -7.98 -31.24
N THR A 692 -18.99 -9.31 -31.35
CA THR A 692 -20.27 -9.92 -31.73
C THR A 692 -21.29 -9.78 -30.59
N PHE A 693 -20.84 -9.73 -29.33
CA PHE A 693 -21.79 -9.78 -28.22
C PHE A 693 -21.84 -8.57 -27.27
N LEU A 694 -20.81 -7.73 -27.29
CA LEU A 694 -20.66 -6.69 -26.26
C LEU A 694 -21.76 -5.69 -26.27
N LEU A 695 -22.16 -5.21 -27.45
CA LEU A 695 -23.36 -4.36 -27.53
C LEU A 695 -24.63 -5.04 -27.03
N ASP A 696 -24.89 -6.29 -27.43
CA ASP A 696 -26.00 -7.03 -26.83
C ASP A 696 -25.91 -7.03 -25.31
N GLU A 697 -24.71 -7.33 -24.82
CA GLU A 697 -24.47 -7.49 -23.37
C GLU A 697 -24.80 -6.18 -22.66
N GLY A 698 -24.45 -5.07 -23.29
CA GLY A 698 -24.71 -3.73 -22.77
C GLY A 698 -26.17 -3.34 -22.79
N LEU A 699 -26.85 -3.66 -23.88
CA LEU A 699 -28.29 -3.34 -23.98
C LEU A 699 -29.06 -4.16 -22.94
N SER A 700 -28.60 -5.39 -22.78
CA SER A 700 -29.28 -6.34 -21.93
C SER A 700 -29.18 -5.93 -20.47
N ASN A 701 -28.01 -5.42 -20.07
CA ASN A 701 -27.84 -4.99 -18.70
C ASN A 701 -28.63 -3.73 -18.45
N LEU A 702 -28.67 -2.86 -19.45
CA LEU A 702 -29.54 -1.67 -19.41
C LEU A 702 -31.03 -2.01 -19.23
N ALA A 703 -31.50 -3.07 -19.89
CA ALA A 703 -32.89 -3.55 -19.70
C ALA A 703 -33.06 -4.13 -18.31
N GLU A 704 -32.07 -4.92 -17.87
CA GLU A 704 -32.05 -5.42 -16.50
C GLU A 704 -32.07 -4.29 -15.45
N VAL A 705 -31.36 -3.19 -15.74
CA VAL A 705 -31.42 -2.00 -14.87
C VAL A 705 -32.85 -1.51 -14.75
N HIS A 706 -33.57 -1.47 -15.87
CA HIS A 706 -34.95 -1.00 -15.85
C HIS A 706 -35.93 -1.93 -15.15
N ASN A 707 -35.83 -3.23 -15.40
CA ASN A 707 -36.65 -4.23 -14.72
C ASN A 707 -36.51 -4.06 -13.23
N ILE A 708 -35.27 -3.88 -12.78
CA ILE A 708 -34.94 -3.72 -11.38
C ILE A 708 -35.52 -2.41 -10.82
N GLN A 709 -35.35 -1.33 -11.56
CA GLN A 709 -35.88 -0.03 -11.16
C GLN A 709 -37.42 0.09 -11.13
N ASN A 710 -38.10 -0.59 -12.05
CA ASN A 710 -39.57 -0.64 -12.03
C ASN A 710 -40.16 -1.46 -10.88
N GLU A 711 -39.45 -2.51 -10.46
CA GLU A 711 -39.81 -3.27 -9.26
C GLU A 711 -39.65 -2.40 -8.02
N LEU A 712 -38.59 -1.59 -7.99
CA LEU A 712 -38.37 -0.63 -6.92
C LEU A 712 -39.49 0.40 -6.82
N ASP A 713 -40.13 0.69 -7.95
CA ASP A 713 -41.18 1.72 -7.99
C ASP A 713 -42.54 1.23 -7.56
N ASN A 714 -42.79 -0.08 -7.67
CA ASN A 714 -44.10 -0.72 -7.43
C ASN A 714 -45.00 -0.12 -6.34
N ARG A 715 -44.45 0.10 -5.14
CA ARG A 715 -45.15 0.60 -3.94
C ARG A 715 -46.39 -0.18 -3.51
N ALA A 716 -47.35 -0.36 -4.42
CA ALA A 716 -48.48 -1.27 -4.20
C ALA A 716 -48.00 -2.72 -4.15
N ARG A 717 -46.86 -2.98 -4.81
CA ARG A 717 -46.08 -4.23 -4.75
C ARG A 717 -46.77 -5.52 -5.20
N GLY A 718 -46.06 -6.27 -6.04
CA GLY A 718 -46.45 -7.62 -6.41
C GLY A 718 -46.35 -8.55 -5.20
N ALA A 719 -45.13 -8.99 -4.86
CA ALA A 719 -43.88 -8.56 -5.49
C ALA A 719 -43.48 -9.47 -6.65
N PRO A 720 -43.40 -8.91 -7.89
CA PRO A 720 -43.07 -9.66 -9.11
C PRO A 720 -41.62 -9.44 -9.57
N ARG A 723 -40.07 -11.64 -8.20
CA ARG A 723 -39.84 -11.53 -6.76
C ARG A 723 -38.97 -10.31 -6.44
N GLU A 724 -39.35 -9.56 -5.41
CA GLU A 724 -38.55 -8.41 -4.92
C GLU A 724 -37.34 -8.82 -4.04
N GLU A 725 -37.20 -10.13 -3.82
CA GLU A 725 -36.12 -10.70 -2.99
C GLU A 725 -35.87 -9.83 -1.77
N GLU A 726 -34.63 -9.39 -1.61
CA GLU A 726 -34.32 -8.36 -0.65
C GLU A 726 -34.14 -7.05 -1.40
N ASP A 727 -34.72 -5.99 -0.85
CA ASP A 727 -34.50 -4.62 -1.30
C ASP A 727 -33.01 -4.22 -1.43
N LYS A 728 -32.14 -4.74 -0.57
CA LYS A 728 -30.69 -4.51 -0.73
C LYS A 728 -30.02 -5.44 -1.77
N GLU A 729 -30.63 -6.59 -2.05
CA GLU A 729 -30.12 -7.51 -3.07
C GLU A 729 -30.42 -6.94 -4.47
N LEU A 730 -31.53 -6.20 -4.57
CA LEU A 730 -31.84 -5.45 -5.78
C LEU A 730 -30.83 -4.33 -5.97
N GLN A 731 -30.63 -3.51 -4.94
CA GLN A 731 -29.70 -2.38 -4.99
C GLN A 731 -28.29 -2.84 -5.37
N THR A 732 -27.95 -4.07 -4.97
CA THR A 732 -26.70 -4.70 -5.34
C THR A 732 -26.69 -5.12 -6.81
N ARG A 733 -27.74 -5.84 -7.19
CA ARG A 733 -27.97 -6.29 -8.54
C ARG A 733 -28.07 -5.08 -9.48
N LEU A 734 -28.72 -4.01 -9.01
CA LEU A 734 -28.82 -2.75 -9.75
C LEU A 734 -27.47 -2.11 -10.03
N ALA A 735 -26.58 -2.01 -9.04
CA ALA A 735 -25.22 -1.56 -9.26
C ALA A 735 -24.47 -2.52 -10.18
N SER A 736 -24.63 -3.82 -9.95
CA SER A 736 -23.93 -4.82 -10.74
C SER A 736 -24.28 -4.78 -12.27
N ALA A 737 -25.55 -4.52 -12.57
CA ALA A 737 -25.98 -4.35 -13.93
C ALA A 737 -25.47 -3.03 -14.50
N SER A 738 -25.35 -1.99 -13.66
CA SER A 738 -24.80 -0.70 -14.13
C SER A 738 -23.35 -0.85 -14.52
N ARG A 739 -22.58 -1.53 -13.68
CA ARG A 739 -21.17 -1.78 -13.98
C ARG A 739 -20.98 -2.54 -15.31
N GLN A 740 -21.73 -3.63 -15.47
CA GLN A 740 -21.59 -4.49 -16.63
C GLN A 740 -22.01 -3.76 -17.91
N ALA A 741 -23.04 -2.95 -17.82
CA ALA A 741 -23.47 -2.12 -18.93
C ALA A 741 -22.34 -1.18 -19.41
N LYS A 742 -21.77 -0.41 -18.46
CA LYS A 742 -20.65 0.51 -18.74
C LYS A 742 -19.38 -0.19 -19.32
N SER A 743 -19.05 -1.32 -18.72
CA SER A 743 -17.90 -2.03 -19.11
C SER A 743 -18.13 -2.60 -20.55
N SER A 744 -19.28 -3.23 -20.80
CA SER A 744 -19.61 -3.70 -22.16
C SER A 744 -19.71 -2.58 -23.26
N CYS A 745 -20.49 -1.55 -23.01
CA CYS A 745 -20.67 -0.48 -23.95
C CYS A 745 -19.34 0.23 -24.18
N GLY A 746 -18.65 0.56 -23.10
CA GLY A 746 -17.33 1.17 -23.14
C GLY A 746 -16.37 0.36 -24.00
N LEU A 747 -16.23 -0.94 -23.74
CA LEU A 747 -15.29 -1.72 -24.56
C LEU A 747 -15.73 -1.75 -26.04
N ALA A 748 -17.03 -1.83 -26.29
CA ALA A 748 -17.52 -1.84 -27.68
C ALA A 748 -17.14 -0.56 -28.43
N ASP A 749 -17.22 0.57 -27.74
CA ASP A 749 -16.75 1.83 -28.24
C ASP A 749 -15.30 1.73 -28.63
N LYS A 750 -14.45 1.35 -27.67
CA LYS A 750 -13.01 1.32 -27.93
C LYS A 750 -12.69 0.34 -29.08
N SER A 751 -13.34 -0.81 -29.13
CA SER A 751 -13.03 -1.79 -30.15
C SER A 751 -13.39 -1.28 -31.53
N MET A 752 -14.58 -0.72 -31.67
CA MET A 752 -15.00 -0.18 -32.95
C MET A 752 -14.06 0.95 -33.34
N LYS A 753 -13.72 1.82 -32.40
CA LYS A 753 -12.76 2.86 -32.69
C LYS A 753 -11.43 2.26 -33.20
N LEU A 754 -10.96 1.19 -32.58
CA LEU A 754 -9.73 0.54 -33.04
C LEU A 754 -9.90 -0.09 -34.45
N PHE A 755 -11.00 -0.77 -34.72
CA PHE A 755 -11.21 -1.20 -36.11
C PHE A 755 -11.16 -0.03 -37.10
N GLU A 756 -11.75 1.10 -36.74
CA GLU A 756 -11.74 2.28 -37.58
C GLU A 756 -10.34 2.77 -37.88
N ILE A 757 -9.51 3.06 -36.87
CA ILE A 757 -8.21 3.67 -37.17
C ILE A 757 -7.20 2.73 -37.83
N TYR A 758 -7.29 1.44 -37.52
CA TYR A 758 -6.41 0.48 -38.14
C TYR A 758 -6.80 0.29 -39.59
N SER A 759 -8.11 0.05 -39.83
CA SER A 759 -8.63 -0.30 -41.16
C SER A 759 -8.33 0.83 -42.12
N LYS A 760 -8.27 2.04 -41.56
CA LYS A 760 -7.82 3.23 -42.27
C LYS A 760 -6.42 3.04 -42.90
N ASP A 761 -5.50 2.42 -42.16
CA ASP A 761 -4.12 2.31 -42.59
C ASP A 761 -3.76 0.97 -43.20
N ILE A 762 -4.33 -0.11 -42.66
CA ILE A 762 -4.04 -1.45 -43.16
C ILE A 762 -5.31 -2.22 -43.54
N PRO A 763 -6.11 -1.63 -44.43
CA PRO A 763 -7.33 -2.34 -44.79
C PRO A 763 -7.08 -3.81 -45.09
N ALA A 764 -5.95 -4.16 -45.70
CA ALA A 764 -5.66 -5.54 -46.17
C ALA A 764 -5.63 -6.56 -45.06
N ALA A 765 -5.18 -6.16 -43.87
CA ALA A 765 -5.17 -7.08 -42.73
C ALA A 765 -6.60 -7.54 -42.36
N PHE A 766 -7.62 -6.86 -42.85
CA PHE A 766 -8.94 -7.11 -42.39
C PHE A 766 -9.74 -7.91 -43.35
N VAL A 767 -9.12 -8.32 -44.44
CA VAL A 767 -9.87 -8.96 -45.49
C VAL A 767 -9.36 -10.34 -45.84
N THR A 768 -8.39 -10.84 -45.09
CA THR A 768 -7.96 -12.23 -45.26
C THR A 768 -9.09 -13.17 -44.87
N PRO A 769 -9.06 -14.40 -45.38
CA PRO A 769 -10.25 -15.23 -45.19
C PRO A 769 -10.67 -15.48 -43.74
N GLU A 770 -9.76 -15.58 -42.78
CA GLU A 770 -10.23 -15.89 -41.44
C GLU A 770 -10.94 -14.71 -40.77
N ILE A 771 -10.82 -13.53 -41.35
CA ILE A 771 -11.41 -12.37 -40.70
C ILE A 771 -12.62 -11.86 -41.49
N VAL A 772 -12.53 -11.92 -42.82
CA VAL A 772 -13.41 -11.09 -43.63
C VAL A 772 -14.88 -11.47 -43.53
N TYR A 773 -15.22 -12.77 -43.51
CA TYR A 773 -16.63 -13.16 -43.32
C TYR A 773 -17.14 -12.93 -41.87
N ARG A 774 -16.38 -13.34 -40.88
CA ARG A 774 -16.73 -12.98 -39.50
C ARG A 774 -16.90 -11.45 -39.33
N LEU A 775 -16.00 -10.67 -39.93
CA LEU A 775 -16.08 -9.22 -39.84
C LEU A 775 -17.33 -8.69 -40.47
N ALA A 776 -17.58 -9.07 -41.71
CA ALA A 776 -18.81 -8.61 -42.38
C ALA A 776 -20.00 -8.88 -41.49
N SER A 777 -20.03 -10.08 -40.93
CA SER A 777 -21.21 -10.49 -40.21
C SER A 777 -21.35 -9.74 -38.88
N MET A 778 -20.21 -9.44 -38.24
CA MET A 778 -20.19 -8.69 -37.03
C MET A 778 -20.53 -7.22 -37.25
N LEU A 779 -19.98 -6.62 -38.31
CA LEU A 779 -20.33 -5.23 -38.63
C LEU A 779 -21.82 -5.07 -38.86
N ASN A 780 -22.37 -5.92 -39.73
CA ASN A 780 -23.80 -5.89 -40.11
C ASN A 780 -24.73 -6.12 -38.91
N TYR A 781 -24.39 -7.08 -38.04
CA TYR A 781 -25.18 -7.29 -36.84
C TYR A 781 -25.18 -6.07 -35.94
N ASN A 782 -24.01 -5.45 -35.74
CA ASN A 782 -23.92 -4.24 -34.93
C ASN A 782 -24.69 -3.12 -35.59
N LEU A 783 -24.60 -3.05 -36.93
CA LEU A 783 -25.37 -2.05 -37.68
C LEU A 783 -26.86 -2.21 -37.46
N GLU A 784 -27.34 -3.46 -37.39
CA GLU A 784 -28.75 -3.72 -37.09
C GLU A 784 -29.18 -3.15 -35.77
N SER A 785 -28.39 -3.35 -34.73
CA SER A 785 -28.80 -2.85 -33.41
C SER A 785 -28.93 -1.38 -33.43
N LEU A 786 -27.89 -0.77 -34.01
CA LEU A 786 -27.69 0.66 -33.98
C LEU A 786 -28.74 1.40 -34.76
N VAL A 787 -29.23 0.82 -35.86
CA VAL A 787 -30.23 1.57 -36.61
C VAL A 787 -31.61 1.06 -36.40
N GLY A 788 -31.75 0.10 -35.47
CA GLY A 788 -33.09 -0.50 -35.28
C GLY A 788 -33.52 -0.29 -33.85
N PRO A 789 -34.55 -1.06 -33.41
CA PRO A 789 -35.20 -0.93 -32.10
C PRO A 789 -34.31 -1.35 -30.95
N LYS A 790 -33.37 -2.25 -31.18
CA LYS A 790 -32.47 -2.66 -30.06
C LYS A 790 -31.82 -1.42 -29.43
N CYS A 791 -31.27 -0.52 -30.23
CA CYS A 791 -30.81 0.76 -29.67
C CYS A 791 -31.91 1.81 -29.60
N GLY A 792 -32.85 1.79 -30.56
CA GLY A 792 -33.93 2.77 -30.63
C GLY A 792 -34.83 2.82 -29.40
N GLU A 793 -35.21 1.65 -28.86
CA GLU A 793 -36.17 1.61 -27.74
C GLU A 793 -35.49 1.80 -26.38
N LEU A 794 -34.19 1.98 -26.40
CA LEU A 794 -33.47 2.17 -25.15
C LEU A 794 -33.57 3.62 -24.72
N LYS A 795 -34.06 3.81 -23.52
CA LYS A 795 -33.92 5.13 -22.91
C LYS A 795 -33.62 4.93 -21.44
N VAL A 796 -32.38 5.23 -21.08
CA VAL A 796 -32.00 5.39 -19.67
C VAL A 796 -31.73 6.88 -19.47
N LYS A 797 -31.78 7.32 -18.21
CA LYS A 797 -31.39 8.69 -17.87
C LYS A 797 -29.87 8.77 -17.81
N ASP A 798 -29.32 9.80 -18.44
CA ASP A 798 -27.86 10.03 -18.60
C ASP A 798 -27.08 8.77 -19.05
N PRO A 799 -27.22 8.41 -20.34
CA PRO A 799 -26.60 7.17 -20.82
C PRO A 799 -25.08 7.29 -20.94
N GLN A 800 -24.55 8.51 -20.81
CA GLN A 800 -23.10 8.73 -20.71
C GLN A 800 -22.49 8.12 -19.44
N SER A 801 -23.28 8.00 -18.38
CA SER A 801 -22.82 7.37 -17.14
C SER A 801 -22.30 5.97 -17.45
N TYR A 802 -22.99 5.30 -18.39
CA TYR A 802 -22.74 3.90 -18.80
C TYR A 802 -22.05 3.79 -20.15
N SER A 803 -21.16 4.75 -20.45
CA SER A 803 -20.43 4.85 -21.74
C SER A 803 -21.26 4.47 -22.96
N PHE A 804 -22.52 4.88 -22.95
CA PHE A 804 -23.44 4.51 -24.01
C PHE A 804 -23.69 5.65 -25.01
N ASN A 805 -22.89 5.67 -26.08
CA ASN A 805 -23.02 6.61 -27.19
C ASN A 805 -23.35 5.86 -28.45
N PRO A 806 -24.65 5.59 -28.67
CA PRO A 806 -25.00 4.83 -29.89
C PRO A 806 -24.54 5.56 -31.14
N LYS A 807 -24.55 6.89 -31.07
CA LYS A 807 -24.16 7.73 -32.18
C LYS A 807 -22.69 7.62 -32.52
N ASP A 808 -21.80 7.70 -31.55
CA ASP A 808 -20.40 7.55 -31.90
C ASP A 808 -20.06 6.16 -32.37
N LEU A 809 -20.71 5.18 -31.76
CA LEU A 809 -20.48 3.79 -32.14
C LEU A 809 -20.90 3.57 -33.61
N LEU A 810 -21.99 4.22 -34.02
CA LEU A 810 -22.48 4.06 -35.37
C LEU A 810 -21.53 4.78 -36.34
N LYS A 811 -21.05 5.93 -35.88
CA LYS A 811 -20.17 6.74 -36.67
C LYS A 811 -18.89 5.95 -36.93
N ALA A 812 -18.34 5.37 -35.88
CA ALA A 812 -17.16 4.51 -36.02
C ALA A 812 -17.46 3.29 -36.88
N LEU A 813 -18.58 2.60 -36.59
CA LEU A 813 -18.94 1.38 -37.35
C LEU A 813 -19.01 1.69 -38.85
N THR A 814 -19.75 2.73 -39.19
CA THR A 814 -19.83 3.08 -40.59
C THR A 814 -18.49 3.56 -41.20
N THR A 815 -17.55 4.02 -40.37
CA THR A 815 -16.28 4.48 -40.95
C THR A 815 -15.48 3.26 -41.35
N VAL A 816 -15.69 2.15 -40.66
CA VAL A 816 -15.01 0.92 -40.98
C VAL A 816 -15.46 0.42 -42.35
N TYR A 817 -16.77 0.42 -42.60
CA TYR A 817 -17.25 0.06 -43.93
C TYR A 817 -16.54 0.91 -44.98
N ILE A 818 -16.49 2.21 -44.75
CA ILE A 818 -15.86 3.11 -45.75
C ILE A 818 -14.40 2.73 -45.95
N ASN A 819 -13.68 2.48 -44.86
CA ASN A 819 -12.24 2.19 -44.90
C ASN A 819 -11.89 0.92 -45.65
N LEU A 820 -12.84 -0.01 -45.73
CA LEU A 820 -12.64 -1.27 -46.44
C LEU A 820 -13.41 -1.31 -47.78
N SER A 821 -14.01 -0.18 -48.14
CA SER A 821 -14.93 -0.17 -49.27
C SER A 821 -14.23 -0.44 -50.58
N GLU A 822 -12.91 -0.38 -50.60
CA GLU A 822 -12.19 -0.74 -51.82
C GLU A 822 -11.52 -2.11 -51.82
N GLN A 823 -11.84 -2.93 -50.83
CA GLN A 823 -11.34 -4.27 -50.75
C GLN A 823 -12.46 -5.14 -51.31
N SER A 824 -12.20 -5.80 -52.44
CA SER A 824 -13.27 -6.51 -53.09
C SER A 824 -13.74 -7.73 -52.28
N GLU A 825 -12.82 -8.40 -51.60
CA GLU A 825 -13.23 -9.50 -50.70
C GLU A 825 -14.21 -8.93 -49.68
N PHE A 826 -13.97 -7.69 -49.28
CA PHE A 826 -14.84 -7.12 -48.28
C PHE A 826 -16.18 -6.84 -48.91
N ILE A 827 -16.19 -6.17 -50.06
CA ILE A 827 -17.45 -5.88 -50.71
C ILE A 827 -18.21 -7.18 -50.94
N SER A 828 -17.49 -8.22 -51.33
CA SER A 828 -18.15 -9.47 -51.59
C SER A 828 -18.71 -10.13 -50.33
N ALA A 829 -17.92 -10.12 -49.24
CA ALA A 829 -18.33 -10.76 -47.99
C ALA A 829 -19.61 -10.11 -47.47
N VAL A 830 -19.63 -8.78 -47.50
CA VAL A 830 -20.79 -8.00 -47.07
C VAL A 830 -22.01 -8.30 -47.99
N ALA A 831 -21.79 -8.42 -49.29
CA ALA A 831 -22.90 -8.72 -50.21
C ALA A 831 -23.47 -10.12 -49.99
N LYS A 832 -22.64 -11.05 -49.51
CA LYS A 832 -23.03 -12.47 -49.40
C LYS A 832 -23.54 -12.92 -48.01
N ASP A 833 -23.50 -12.03 -47.03
CA ASP A 833 -24.07 -12.29 -45.72
C ASP A 833 -25.60 -12.05 -45.69
N GLU A 834 -26.38 -13.08 -45.97
CA GLU A 834 -27.84 -12.90 -46.02
C GLU A 834 -28.41 -12.42 -44.67
N ARG A 835 -27.84 -12.98 -43.59
CA ARG A 835 -28.35 -12.83 -42.23
C ARG A 835 -28.62 -11.40 -41.74
N SER A 836 -27.82 -10.45 -42.20
CA SER A 836 -28.01 -9.02 -41.86
C SER A 836 -28.05 -8.02 -43.06
N PHE A 837 -27.33 -8.29 -44.16
CA PHE A 837 -27.22 -7.28 -45.21
C PHE A 837 -28.55 -6.87 -45.83
N ASN A 838 -28.78 -5.56 -45.80
CA ASN A 838 -29.92 -4.89 -46.41
C ASN A 838 -29.44 -3.43 -46.68
N ARG A 839 -29.56 -2.99 -47.93
CA ARG A 839 -29.11 -1.64 -48.28
C ARG A 839 -29.75 -0.58 -47.39
N ASN A 840 -31.01 -0.82 -47.01
CA ASN A 840 -31.75 0.11 -46.15
C ASN A 840 -31.10 0.42 -44.78
N LEU A 841 -30.36 -0.54 -44.22
CA LEU A 841 -29.66 -0.28 -42.94
C LEU A 841 -28.78 0.97 -43.10
N PHE A 842 -28.13 1.10 -44.27
CA PHE A 842 -27.25 2.24 -44.53
C PHE A 842 -28.06 3.52 -44.69
N VAL A 843 -29.20 3.42 -45.35
CA VAL A 843 -30.10 4.55 -45.48
C VAL A 843 -30.51 5.04 -44.08
N ARG A 844 -30.87 4.10 -43.18
CA ARG A 844 -31.28 4.48 -41.81
C ARG A 844 -30.10 5.04 -41.05
N ALA A 845 -28.94 4.43 -41.27
CA ALA A 845 -27.68 4.89 -40.70
C ALA A 845 -27.43 6.36 -41.05
N VAL A 846 -27.55 6.68 -42.34
CA VAL A 846 -27.41 8.04 -42.84
C VAL A 846 -28.41 9.02 -42.18
N ASP A 847 -29.63 8.54 -42.02
CA ASP A 847 -30.69 9.26 -41.35
C ASP A 847 -30.31 9.58 -39.90
N ILE A 848 -29.84 8.58 -39.17
CA ILE A 848 -29.47 8.73 -37.76
C ILE A 848 -28.21 9.59 -37.53
N LEU A 849 -27.24 9.49 -38.43
CA LEU A 849 -26.00 10.26 -38.24
C LEU A 849 -26.21 11.75 -38.45
N GLY A 850 -27.02 12.11 -39.46
CA GLY A 850 -27.37 13.52 -39.73
C GLY A 850 -28.17 14.21 -38.63
N ARG A 851 -28.55 13.44 -37.60
CA ARG A 851 -29.30 13.95 -36.44
C ARG A 851 -28.44 14.67 -35.40
N LYS A 852 -27.18 14.26 -35.26
CA LYS A 852 -26.19 15.07 -34.53
C LYS A 852 -25.38 15.91 -35.54
N THR A 853 -25.67 17.21 -35.60
CA THR A 853 -25.09 18.03 -36.68
C THR A 853 -23.56 18.12 -36.54
N GLY A 854 -22.90 17.95 -37.68
CA GLY A 854 -21.45 17.77 -37.73
C GLY A 854 -20.95 16.34 -37.46
N LEU A 855 -21.83 15.38 -37.19
CA LEU A 855 -21.31 14.05 -36.90
C LEU A 855 -20.67 13.47 -38.15
N ALA A 856 -21.38 13.60 -39.26
CA ALA A 856 -20.89 13.10 -40.53
C ALA A 856 -20.96 14.21 -41.57
N SER A 857 -19.86 14.42 -42.28
CA SER A 857 -19.82 15.37 -43.39
C SER A 857 -20.65 14.83 -44.57
N PRO A 858 -21.28 15.72 -45.35
CA PRO A 858 -21.92 15.26 -46.60
C PRO A 858 -21.02 14.30 -47.43
N GLU A 859 -19.72 14.60 -47.47
CA GLU A 859 -18.71 13.79 -48.15
C GLU A 859 -18.72 12.36 -47.59
N PHE A 860 -18.68 12.26 -46.26
CA PHE A 860 -18.76 11.01 -45.54
C PHE A 860 -20.02 10.29 -45.98
N ILE A 861 -21.13 11.02 -46.06
CA ILE A 861 -22.40 10.35 -46.30
C ILE A 861 -22.45 9.75 -47.72
N GLU A 862 -22.00 10.53 -48.70
CA GLU A 862 -21.87 10.00 -50.02
C GLU A 862 -20.92 8.78 -50.10
N LYS A 863 -19.79 8.80 -49.40
CA LYS A 863 -18.94 7.60 -49.42
C LYS A 863 -19.66 6.38 -48.87
N LEU A 864 -20.51 6.58 -47.86
CA LEU A 864 -21.23 5.48 -47.24
C LEU A 864 -22.28 4.91 -48.20
N LEU A 865 -23.03 5.79 -48.85
CA LEU A 865 -24.01 5.38 -49.83
C LEU A 865 -23.34 4.72 -51.02
N ASN A 866 -22.19 5.25 -51.40
CA ASN A 866 -21.44 4.68 -52.50
C ASN A 866 -21.10 3.23 -52.16
N PHE A 867 -20.67 3.02 -50.91
CA PHE A 867 -20.36 1.68 -50.42
C PHE A 867 -21.57 0.79 -50.51
N ALA A 868 -22.71 1.30 -50.05
CA ALA A 868 -23.93 0.49 -49.92
C ALA A 868 -24.45 0.06 -51.27
N ASN A 869 -24.22 0.91 -52.27
CA ASN A 869 -24.58 0.64 -53.66
C ASN A 869 -23.72 -0.45 -54.33
N LYS A 870 -22.40 -0.40 -54.14
CA LYS A 870 -21.49 -1.43 -54.64
C LYS A 870 -21.92 -2.79 -54.11
N ALA A 871 -22.23 -2.82 -52.82
CA ALA A 871 -22.60 -4.05 -52.13
C ALA A 871 -23.92 -4.57 -52.64
N GLU A 872 -24.90 -3.67 -52.77
CA GLU A 872 -26.22 -4.03 -53.21
C GLU A 872 -26.14 -4.53 -54.65
N GLU A 873 -25.19 -3.96 -55.39
CA GLU A 873 -24.96 -4.33 -56.78
C GLU A 873 -24.22 -5.68 -56.90
N GLN A 874 -23.29 -5.95 -55.99
CA GLN A 874 -22.63 -7.23 -55.99
C GLN A 874 -23.67 -8.31 -55.70
N ARG A 875 -24.60 -7.97 -54.82
CA ARG A 875 -25.64 -8.89 -54.40
C ARG A 875 -26.55 -9.30 -55.58
N LYS A 876 -26.93 -8.31 -56.37
CA LYS A 876 -27.74 -8.52 -57.56
C LYS A 876 -27.03 -9.39 -58.60
N ALA A 877 -25.81 -9.00 -58.98
CA ALA A 877 -24.95 -9.81 -59.83
C ALA A 877 -24.97 -11.28 -59.37
N ASP A 878 -24.72 -11.50 -58.07
CA ASP A 878 -24.69 -12.84 -57.49
C ASP A 878 -26.03 -13.57 -57.65
N GLU A 879 -27.11 -12.83 -57.44
CA GLU A 879 -28.42 -13.44 -57.50
C GLU A 879 -28.79 -13.76 -58.96
N GLU A 880 -28.38 -12.89 -59.89
CA GLU A 880 -28.58 -13.16 -61.32
C GLU A 880 -27.73 -14.34 -61.77
N GLU A 881 -26.47 -14.36 -61.35
CA GLU A 881 -25.60 -15.47 -61.59
C GLU A 881 -26.16 -16.83 -61.09
N ASP A 882 -26.74 -16.85 -59.88
CA ASP A 882 -27.32 -18.08 -59.34
C ASP A 882 -28.52 -18.51 -60.20
N LEU A 883 -29.36 -17.54 -60.55
CA LEU A 883 -30.59 -17.84 -61.26
C LEU A 883 -30.31 -18.43 -62.62
N GLU A 884 -29.38 -17.82 -63.33
CA GLU A 884 -29.12 -18.14 -64.71
C GLU A 884 -28.12 -19.32 -64.87
N TYR A 885 -27.10 -19.42 -64.01
CA TYR A 885 -26.11 -20.48 -64.13
C TYR A 885 -26.04 -21.47 -62.94
N GLY A 886 -26.79 -21.22 -61.87
CA GLY A 886 -26.76 -22.11 -60.70
C GLY A 886 -27.71 -23.29 -60.83
N ASP A 887 -27.44 -24.20 -61.78
CA ASP A 887 -28.34 -25.35 -62.02
C ASP A 887 -28.11 -26.59 -61.14
N VAL A 888 -27.04 -26.59 -60.36
CA VAL A 888 -26.78 -27.66 -59.39
C VAL A 888 -26.75 -27.08 -57.98
N PRO A 889 -27.60 -27.58 -57.07
CA PRO A 889 -27.57 -27.12 -55.69
C PRO A 889 -26.16 -27.22 -55.09
N ASP A 890 -25.83 -26.22 -54.32
CA ASP A 890 -24.50 -26.01 -53.83
C ASP A 890 -23.94 -27.14 -52.97
N GLU A 891 -24.79 -27.71 -52.12
CA GLU A 891 -24.31 -28.73 -51.22
C GLU A 891 -23.90 -29.99 -51.98
N PHE A 892 -24.27 -30.06 -53.26
CA PHE A 892 -23.90 -31.21 -54.10
C PHE A 892 -22.55 -31.01 -54.81
N LEU A 893 -22.01 -29.80 -54.78
CA LEU A 893 -20.77 -29.51 -55.52
C LEU A 893 -19.52 -29.78 -54.68
N ASP A 894 -18.50 -30.27 -55.35
CA ASP A 894 -17.23 -30.49 -54.70
C ASP A 894 -16.72 -29.13 -54.34
N PRO A 895 -16.20 -28.95 -53.12
CA PRO A 895 -15.71 -27.60 -52.73
C PRO A 895 -14.41 -27.18 -53.47
N LEU A 896 -13.72 -28.13 -54.07
CA LEU A 896 -12.44 -27.83 -54.69
C LEU A 896 -12.51 -27.91 -56.21
N MET A 897 -13.31 -28.85 -56.71
CA MET A 897 -13.46 -29.08 -58.16
C MET A 897 -14.69 -28.38 -58.76
N TYR A 898 -15.56 -27.83 -57.90
CA TYR A 898 -16.77 -27.13 -58.33
C TYR A 898 -17.74 -27.98 -59.15
N THR A 899 -17.53 -29.31 -59.14
CA THR A 899 -18.37 -30.24 -59.93
C THR A 899 -19.18 -31.20 -59.04
N ILE A 900 -20.34 -31.65 -59.55
CA ILE A 900 -21.18 -32.67 -58.89
C ILE A 900 -20.34 -33.83 -58.33
N MET A 901 -20.46 -34.05 -57.04
CA MET A 901 -19.70 -35.13 -56.39
C MET A 901 -20.31 -36.48 -56.72
N LYS A 902 -19.47 -37.50 -56.85
CA LYS A 902 -19.95 -38.83 -57.17
C LYS A 902 -20.10 -39.63 -55.89
N ASP A 903 -19.15 -39.44 -54.98
CA ASP A 903 -19.09 -40.20 -53.76
C ASP A 903 -18.63 -39.27 -52.62
N PRO A 904 -19.61 -38.52 -52.05
CA PRO A 904 -19.24 -37.53 -51.02
C PRO A 904 -18.72 -38.22 -49.77
N VAL A 905 -17.68 -37.63 -49.19
CA VAL A 905 -17.16 -38.05 -47.89
C VAL A 905 -16.96 -36.83 -46.98
N ILE A 906 -17.05 -37.07 -45.67
CA ILE A 906 -16.94 -36.04 -44.64
C ILE A 906 -15.54 -36.10 -44.04
N LEU A 907 -14.80 -35.01 -44.15
CA LEU A 907 -13.49 -34.89 -43.50
C LEU A 907 -13.68 -34.70 -42.00
N PRO A 908 -12.92 -35.47 -41.19
CA PRO A 908 -13.16 -35.53 -39.74
C PRO A 908 -12.72 -34.30 -38.96
N ALA A 909 -11.71 -33.59 -39.42
CA ALA A 909 -11.28 -32.40 -38.69
C ALA A 909 -12.14 -31.18 -39.11
N SER A 910 -12.27 -30.93 -40.42
CA SER A 910 -13.03 -29.76 -40.87
C SER A 910 -14.52 -30.00 -41.00
N LYS A 911 -14.96 -31.25 -41.13
CA LYS A 911 -16.38 -31.61 -41.30
C LYS A 911 -16.90 -31.25 -42.68
N MET A 912 -15.99 -30.87 -43.56
CA MET A 912 -16.37 -30.52 -44.93
C MET A 912 -16.68 -31.80 -45.66
N ASN A 913 -17.63 -31.68 -46.58
CA ASN A 913 -17.92 -32.71 -47.57
C ASN A 913 -17.08 -32.49 -48.81
N ILE A 914 -16.60 -33.59 -49.37
CA ILE A 914 -15.71 -33.54 -50.52
C ILE A 914 -15.82 -34.89 -51.22
N ASP A 915 -15.62 -34.90 -52.54
CA ASP A 915 -15.68 -36.13 -53.30
C ASP A 915 -14.52 -37.02 -52.91
N ARG A 916 -14.78 -38.31 -52.68
CA ARG A 916 -13.72 -39.28 -52.42
C ARG A 916 -12.49 -39.07 -53.33
N SER A 917 -12.71 -38.87 -54.63
CA SER A 917 -11.59 -38.73 -55.57
C SER A 917 -10.73 -37.45 -55.39
N THR A 918 -11.37 -36.36 -54.95
CA THR A 918 -10.64 -35.11 -54.67
C THR A 918 -9.72 -35.24 -53.48
N ILE A 919 -10.23 -35.88 -52.42
CA ILE A 919 -9.46 -35.95 -51.18
C ILE A 919 -8.28 -36.88 -51.43
N LYS A 920 -8.55 -37.96 -52.17
CA LYS A 920 -7.54 -38.91 -52.60
C LYS A 920 -6.45 -38.25 -53.47
N ALA A 921 -6.83 -37.36 -54.37
CA ALA A 921 -5.86 -36.59 -55.16
C ALA A 921 -5.07 -35.60 -54.27
N HIS A 922 -5.72 -35.07 -53.27
CA HIS A 922 -5.05 -34.19 -52.32
C HIS A 922 -4.10 -34.95 -51.39
N LEU A 923 -4.56 -36.10 -50.86
CA LEU A 923 -3.73 -36.89 -49.89
C LEU A 923 -2.60 -37.66 -50.54
N LEU A 924 -2.65 -37.81 -51.85
CA LEU A 924 -1.54 -38.32 -52.62
C LEU A 924 -0.29 -37.43 -52.49
N SER A 925 -0.47 -36.14 -52.22
CA SER A 925 0.67 -35.21 -52.23
C SER A 925 0.83 -34.44 -50.92
N ASP A 926 -0.13 -34.60 -50.02
CA ASP A 926 -0.25 -33.73 -48.86
C ASP A 926 -1.20 -34.37 -47.84
N SER A 927 -0.62 -34.95 -46.80
CA SER A 927 -1.34 -35.74 -45.83
C SER A 927 -2.08 -34.93 -44.78
N THR A 928 -2.93 -34.03 -45.25
CA THR A 928 -3.63 -33.11 -44.36
C THR A 928 -5.02 -32.89 -44.89
N ASP A 929 -5.94 -32.58 -43.97
CA ASP A 929 -7.21 -31.97 -44.31
C ASP A 929 -6.88 -30.69 -45.08
N PRO A 930 -7.44 -30.50 -46.28
CA PRO A 930 -7.01 -29.33 -47.07
C PRO A 930 -7.60 -28.00 -46.60
N PHE A 931 -8.60 -28.04 -45.73
CA PHE A 931 -9.21 -26.78 -45.28
C PHE A 931 -8.62 -26.21 -44.02
N ASN A 932 -8.07 -27.06 -43.14
CA ASN A 932 -7.52 -26.58 -41.87
C ASN A 932 -6.13 -27.12 -41.52
N ARG A 933 -5.54 -27.88 -42.45
CA ARG A 933 -4.17 -28.33 -42.32
C ARG A 933 -3.97 -29.45 -41.29
N MET A 934 -5.03 -29.96 -40.70
CA MET A 934 -4.91 -31.05 -39.73
C MET A 934 -4.40 -32.36 -40.36
N PRO A 935 -3.60 -33.15 -39.60
CA PRO A 935 -3.14 -34.43 -40.16
C PRO A 935 -4.32 -35.33 -40.56
N LEU A 936 -4.15 -36.07 -41.64
CA LEU A 936 -5.27 -36.83 -42.15
C LEU A 936 -4.82 -37.96 -43.09
N LYS A 937 -5.44 -39.12 -42.88
CA LYS A 937 -5.15 -40.32 -43.61
C LYS A 937 -6.45 -40.67 -44.27
N LEU A 938 -6.36 -41.07 -45.54
CA LEU A 938 -7.53 -41.35 -46.37
C LEU A 938 -8.58 -42.23 -45.71
N GLU A 939 -8.10 -43.21 -44.95
CA GLU A 939 -8.90 -44.13 -44.15
C GLU A 939 -9.91 -43.49 -43.18
N ASP A 940 -9.55 -42.36 -42.56
CA ASP A 940 -10.35 -41.70 -41.51
C ASP A 940 -11.61 -40.99 -42.06
N VAL A 941 -11.74 -41.01 -43.39
CA VAL A 941 -12.76 -40.27 -44.11
C VAL A 941 -14.07 -41.02 -43.98
N THR A 942 -15.17 -40.29 -43.89
CA THR A 942 -16.46 -40.90 -43.58
C THR A 942 -17.50 -40.73 -44.68
N PRO A 943 -18.06 -41.87 -45.17
CA PRO A 943 -19.06 -41.89 -46.26
C PRO A 943 -20.31 -41.06 -45.94
N ASN A 944 -20.72 -40.22 -46.88
CA ASN A 944 -21.96 -39.50 -46.73
C ASN A 944 -23.05 -40.12 -47.58
N GLU A 945 -23.45 -41.33 -47.14
CA GLU A 945 -24.52 -42.08 -47.75
C GLU A 945 -25.76 -41.22 -47.99
N GLU A 946 -26.24 -40.55 -46.95
CA GLU A 946 -27.40 -39.65 -47.08
C GLU A 946 -27.27 -38.60 -48.21
N LEU A 947 -26.17 -37.85 -48.19
CA LEU A 947 -25.86 -36.88 -49.24
C LEU A 947 -25.74 -37.53 -50.63
N ARG A 948 -25.15 -38.73 -50.67
CA ARG A 948 -24.98 -39.47 -51.92
C ARG A 948 -26.32 -39.79 -52.56
N GLN A 949 -27.28 -40.19 -51.72
CA GLN A 949 -28.66 -40.41 -52.17
C GLN A 949 -29.27 -39.14 -52.79
N LYS A 950 -29.14 -38.02 -52.07
CA LYS A 950 -29.70 -36.77 -52.55
C LYS A 950 -29.19 -36.46 -53.95
N ILE A 951 -27.91 -36.73 -54.18
CA ILE A 951 -27.28 -36.45 -55.49
C ILE A 951 -27.85 -37.34 -56.59
N LEU A 952 -27.94 -38.64 -56.30
CA LEU A 952 -28.47 -39.62 -57.22
C LEU A 952 -29.93 -39.35 -57.59
N CYS A 953 -30.74 -39.14 -56.55
CA CYS A 953 -32.13 -38.71 -56.66
C CYS A 953 -32.21 -37.48 -57.57
N PHE A 954 -31.43 -36.45 -57.23
CA PHE A 954 -31.34 -35.24 -58.02
C PHE A 954 -30.99 -35.53 -59.49
N LYS A 955 -29.99 -36.38 -59.71
CA LYS A 955 -29.56 -36.75 -61.05
C LYS A 955 -30.66 -37.47 -61.84
N LYS A 956 -31.45 -38.28 -61.14
CA LYS A 956 -32.59 -39.02 -61.71
C LYS A 956 -33.65 -38.06 -62.27
N GLN A 957 -33.99 -37.04 -61.48
CA GLN A 957 -34.92 -35.97 -61.90
C GLN A 957 -34.49 -35.33 -63.23
N LYS A 958 -33.19 -34.99 -63.35
CA LYS A 958 -32.66 -34.25 -64.50
C LYS A 958 -32.56 -35.09 -65.77
N LYS A 959 -32.18 -36.35 -65.61
CA LYS A 959 -31.99 -37.29 -66.72
C LYS A 959 -33.32 -37.61 -67.39
N GLU A 960 -34.37 -37.64 -66.58
CA GLU A 960 -35.67 -38.13 -67.02
C GLU A 960 -36.49 -37.16 -67.90
N GLU A 961 -36.25 -35.86 -67.78
CA GLU A 961 -36.88 -34.88 -68.69
C GLU A 961 -35.97 -34.41 -69.84
N ALA A 962 -35.16 -33.37 -69.58
CA ALA A 962 -34.25 -32.81 -70.58
C ALA A 962 -32.94 -33.60 -70.68
N LEU B 29 34.62 -0.83 60.04
CA LEU B 29 34.42 0.60 60.36
C LEU B 29 33.30 0.81 61.37
N ASN B 30 32.78 2.03 61.43
CA ASN B 30 31.72 2.39 62.36
C ASN B 30 30.67 3.19 61.59
N ILE B 31 29.68 2.48 61.05
CA ILE B 31 28.75 3.04 60.05
C ILE B 31 27.28 2.88 60.44
N HIS B 32 26.49 3.93 60.20
CA HIS B 32 25.10 3.99 60.63
C HIS B 32 24.17 3.92 59.42
N ILE B 33 23.27 2.95 59.46
CA ILE B 33 22.45 2.58 58.30
C ILE B 33 21.04 3.20 58.41
N LYS B 34 20.95 4.50 58.14
CA LYS B 34 19.72 5.29 58.32
C LYS B 34 18.53 4.80 57.47
N SER B 35 17.38 5.47 57.65
CA SER B 35 16.21 5.26 56.82
C SER B 35 15.36 6.52 56.84
N GLY B 36 15.26 7.11 58.03
CA GLY B 36 14.38 8.24 58.31
C GLY B 36 13.84 8.02 59.72
N GLN B 37 13.83 6.76 60.13
CA GLN B 37 13.33 6.35 61.44
C GLN B 37 14.20 5.28 62.12
N ASP B 38 14.99 4.55 61.33
CA ASP B 38 15.74 3.37 61.82
C ASP B 38 17.27 3.49 61.75
N LYS B 39 17.95 2.58 62.46
CA LYS B 39 19.40 2.47 62.40
C LYS B 39 19.86 1.09 62.85
N TRP B 40 20.79 0.50 62.10
CA TRP B 40 21.41 -0.78 62.47
C TRP B 40 22.93 -0.67 62.28
N GLU B 41 23.61 -0.12 63.28
CA GLU B 41 25.06 0.04 63.27
C GLU B 41 25.78 -1.22 62.76
N VAL B 42 26.91 -1.02 62.07
CA VAL B 42 27.70 -2.14 61.54
C VAL B 42 29.20 -1.95 61.75
N ASN B 43 29.90 -3.07 61.95
CA ASN B 43 31.36 -3.11 61.86
C ASN B 43 31.77 -3.96 60.66
N VAL B 44 32.58 -3.39 59.78
CA VAL B 44 33.09 -4.12 58.62
C VAL B 44 34.49 -3.64 58.24
N ALA B 45 35.37 -4.60 57.94
CA ALA B 45 36.69 -4.31 57.39
C ALA B 45 36.60 -3.50 56.09
N PRO B 46 37.42 -2.44 55.97
CA PRO B 46 37.41 -1.53 54.81
C PRO B 46 37.59 -2.23 53.46
N GLU B 47 38.59 -3.11 53.36
CA GLU B 47 38.94 -3.80 52.11
C GLU B 47 37.90 -4.84 51.66
N SER B 48 36.97 -5.15 52.55
CA SER B 48 35.86 -6.05 52.26
C SER B 48 34.92 -5.44 51.23
N THR B 49 34.38 -6.28 50.35
CA THR B 49 33.45 -5.81 49.32
C THR B 49 32.11 -5.35 49.91
N VAL B 50 31.23 -4.83 49.06
CA VAL B 50 29.89 -4.42 49.46
C VAL B 50 28.93 -5.61 49.53
N LEU B 51 29.26 -6.68 48.81
CA LEU B 51 28.50 -7.94 48.90
C LEU B 51 28.58 -8.55 50.32
N GLN B 52 29.70 -8.32 51.03
CA GLN B 52 29.79 -8.69 52.46
C GLN B 52 28.96 -7.73 53.29
N PHE B 53 28.95 -6.47 52.87
CA PHE B 53 28.25 -5.38 53.58
C PHE B 53 26.75 -5.55 53.50
N LYS B 54 26.27 -6.19 52.43
CA LYS B 54 24.88 -6.58 52.33
C LYS B 54 24.58 -7.69 53.33
N GLU B 55 25.37 -8.76 53.26
CA GLU B 55 25.18 -9.94 54.12
C GLU B 55 25.62 -9.74 55.58
N ALA B 56 26.28 -8.61 55.86
CA ALA B 56 26.56 -8.17 57.23
C ALA B 56 25.33 -7.50 57.86
N ILE B 57 24.30 -7.30 57.05
CA ILE B 57 23.05 -6.68 57.46
C ILE B 57 21.90 -7.69 57.35
N ASN B 58 21.85 -8.44 56.24
CA ASN B 58 20.85 -9.50 55.99
C ASN B 58 20.44 -10.29 57.24
N LYS B 59 21.42 -10.82 57.97
CA LYS B 59 21.16 -11.61 59.15
C LYS B 59 21.40 -10.83 60.44
N ALA B 60 21.42 -9.50 60.34
CA ALA B 60 21.55 -8.62 61.50
C ALA B 60 20.46 -7.53 61.56
N ASN B 61 19.53 -7.54 60.60
CA ASN B 61 18.43 -6.57 60.58
C ASN B 61 17.03 -7.13 60.26
N GLY B 62 16.94 -8.03 59.29
CA GLY B 62 15.68 -8.68 58.93
C GLY B 62 15.33 -8.78 57.45
N ILE B 63 16.15 -8.13 56.60
CA ILE B 63 15.89 -8.02 55.16
C ILE B 63 16.75 -8.99 54.31
N PRO B 64 16.14 -9.66 53.30
CA PRO B 64 16.79 -10.67 52.44
C PRO B 64 18.01 -10.23 51.60
N VAL B 65 18.61 -11.19 50.88
CA VAL B 65 19.81 -10.99 50.03
C VAL B 65 19.62 -9.86 48.98
N ALA B 66 18.67 -10.07 48.07
CA ALA B 66 18.45 -9.15 46.93
C ALA B 66 17.41 -8.05 47.19
N ASN B 67 16.87 -8.01 48.41
CA ASN B 67 15.94 -6.95 48.80
C ASN B 67 16.66 -5.75 49.41
N GLN B 68 17.96 -5.68 49.19
CA GLN B 68 18.79 -4.60 49.72
C GLN B 68 19.21 -3.64 48.62
N ARG B 69 19.16 -2.35 48.94
CA ARG B 69 19.68 -1.31 48.05
C ARG B 69 20.34 -0.21 48.87
N LEU B 70 21.63 0.01 48.61
CA LEU B 70 22.48 0.88 49.42
C LEU B 70 22.92 2.14 48.68
N ILE B 71 22.62 3.27 49.29
CA ILE B 71 22.88 4.59 48.69
C ILE B 71 23.79 5.37 49.62
N TYR B 72 24.91 5.86 49.09
CA TYR B 72 25.86 6.64 49.86
C TYR B 72 26.50 7.72 49.01
N SER B 73 26.79 8.85 49.65
CA SER B 73 27.50 9.96 49.02
C SER B 73 27.13 10.22 47.53
N GLY B 74 25.86 9.99 47.18
CA GLY B 74 25.38 10.28 45.83
C GLY B 74 25.35 9.12 44.83
N LYS B 75 26.07 8.05 45.14
CA LYS B 75 26.10 6.84 44.30
C LYS B 75 25.19 5.75 44.88
N ILE B 76 24.77 4.80 44.05
CA ILE B 76 24.24 3.52 44.56
C ILE B 76 25.39 2.55 44.58
N LEU B 77 25.47 1.72 45.61
CA LEU B 77 26.58 0.79 45.75
C LEU B 77 26.47 -0.41 44.80
N LYS B 78 27.49 -1.27 44.80
CA LYS B 78 27.53 -2.47 43.97
C LYS B 78 28.09 -3.64 44.77
N ASP B 79 27.53 -4.84 44.55
CA ASP B 79 27.95 -6.05 45.28
C ASP B 79 29.46 -6.27 45.20
N ASP B 80 30.03 -5.97 44.02
CA ASP B 80 31.43 -6.30 43.69
C ASP B 80 32.50 -5.34 44.25
N GLN B 81 32.13 -4.07 44.49
CA GLN B 81 33.09 -3.04 44.91
C GLN B 81 33.29 -3.06 46.41
N THR B 82 34.50 -2.75 46.86
CA THR B 82 34.77 -2.77 48.30
C THR B 82 34.14 -1.55 48.99
N VAL B 83 33.93 -1.66 50.29
CA VAL B 83 33.43 -0.54 51.09
C VAL B 83 34.46 0.59 51.15
N GLU B 84 35.73 0.21 51.07
CA GLU B 84 36.80 1.20 51.04
C GLU B 84 37.00 1.76 49.63
N SER B 85 36.62 1.00 48.61
CA SER B 85 36.73 1.49 47.23
C SER B 85 35.82 2.71 47.04
N TYR B 86 34.82 2.82 47.91
CA TYR B 86 33.93 3.99 47.94
C TYR B 86 34.39 5.01 48.96
N HIS B 87 35.41 4.66 49.73
CA HIS B 87 35.97 5.52 50.78
C HIS B 87 34.89 5.98 51.79
N ILE B 88 34.32 5.03 52.53
CA ILE B 88 33.33 5.30 53.57
C ILE B 88 33.99 5.37 54.95
N GLN B 89 33.52 6.30 55.78
CA GLN B 89 34.21 6.66 57.04
C GLN B 89 33.68 6.00 58.33
N ASP B 90 34.46 6.15 59.41
CA ASP B 90 34.01 5.89 60.76
C ASP B 90 33.19 7.10 61.22
N GLY B 91 32.03 6.82 61.83
CA GLY B 91 31.10 7.87 62.24
C GLY B 91 30.35 8.45 61.06
N HIS B 92 30.02 7.58 60.09
CA HIS B 92 29.39 7.99 58.82
C HIS B 92 28.06 7.31 58.53
N SER B 93 27.24 7.99 57.73
CA SER B 93 25.88 7.57 57.44
C SER B 93 25.70 7.05 56.01
N VAL B 94 25.30 5.78 55.91
CA VAL B 94 24.93 5.17 54.66
C VAL B 94 23.42 4.88 54.76
N HIS B 95 22.67 5.23 53.72
CA HIS B 95 21.22 5.00 53.67
C HIS B 95 20.89 3.67 53.00
N LEU B 96 19.74 3.09 53.34
CA LEU B 96 19.27 1.84 52.74
C LEU B 96 17.84 1.97 52.22
N VAL B 97 17.46 1.12 51.27
CA VAL B 97 16.10 1.10 50.72
C VAL B 97 15.54 -0.31 50.58
N LYS B 98 14.35 -0.52 51.13
CA LYS B 98 13.62 -1.79 51.00
C LYS B 98 13.24 -2.00 49.53
N SER B 99 13.67 -3.14 48.99
CA SER B 99 13.61 -3.38 47.54
C SER B 99 12.56 -4.42 47.08
N GLN B 100 11.37 -3.94 46.71
CA GLN B 100 10.33 -4.79 46.10
C GLN B 100 10.71 -5.22 44.68
#